data_4NAG
# 
_entry.id   4NAG 
# 
_audit_conform.dict_name       mmcif_pdbx.dic 
_audit_conform.dict_version    5.399 
_audit_conform.dict_location   http://mmcif.pdb.org/dictionaries/ascii/mmcif_pdbx.dic 
# 
loop_
_database_2.database_id 
_database_2.database_code 
_database_2.pdbx_database_accession 
_database_2.pdbx_DOI 
PDB   4NAG         pdb_00004nag 10.2210/pdb4nag/pdb 
RCSB  RCSB082955   ?            ?                   
WWPDB D_1000082955 ?            ?                   
# 
loop_
_pdbx_audit_revision_history.ordinal 
_pdbx_audit_revision_history.data_content_type 
_pdbx_audit_revision_history.major_revision 
_pdbx_audit_revision_history.minor_revision 
_pdbx_audit_revision_history.revision_date 
1 'Structure model' 1 0 2014-04-30 
2 'Structure model' 1 1 2014-05-21 
3 'Structure model' 1 2 2024-11-27 
# 
_pdbx_audit_revision_details.ordinal             1 
_pdbx_audit_revision_details.revision_ordinal    1 
_pdbx_audit_revision_details.data_content_type   'Structure model' 
_pdbx_audit_revision_details.provider            repository 
_pdbx_audit_revision_details.type                'Initial release' 
_pdbx_audit_revision_details.description         ? 
_pdbx_audit_revision_details.details             ? 
# 
loop_
_pdbx_audit_revision_group.ordinal 
_pdbx_audit_revision_group.revision_ordinal 
_pdbx_audit_revision_group.data_content_type 
_pdbx_audit_revision_group.group 
1 2 'Structure model' 'Database references'  
2 3 'Structure model' 'Data collection'      
3 3 'Structure model' 'Database references'  
4 3 'Structure model' 'Derived calculations' 
5 3 'Structure model' 'Structure summary'    
# 
loop_
_pdbx_audit_revision_category.ordinal 
_pdbx_audit_revision_category.revision_ordinal 
_pdbx_audit_revision_category.data_content_type 
_pdbx_audit_revision_category.category 
1 3 'Structure model' chem_comp_atom            
2 3 'Structure model' chem_comp_bond            
3 3 'Structure model' database_2                
4 3 'Structure model' pdbx_entry_details        
5 3 'Structure model' pdbx_modification_feature 
6 3 'Structure model' struct_conn               
7 3 'Structure model' struct_site               
# 
loop_
_pdbx_audit_revision_item.ordinal 
_pdbx_audit_revision_item.revision_ordinal 
_pdbx_audit_revision_item.data_content_type 
_pdbx_audit_revision_item.item 
1 3 'Structure model' '_database_2.pdbx_DOI'                
2 3 'Structure model' '_database_2.pdbx_database_accession' 
3 3 'Structure model' '_struct_conn.pdbx_leaving_atom_flag' 
4 3 'Structure model' '_struct_site.pdbx_auth_asym_id'      
5 3 'Structure model' '_struct_site.pdbx_auth_comp_id'      
6 3 'Structure model' '_struct_site.pdbx_auth_seq_id'       
# 
_pdbx_database_status.status_code                     REL 
_pdbx_database_status.entry_id                        4NAG 
_pdbx_database_status.recvd_initial_deposition_date   2013-10-22 
_pdbx_database_status.deposit_site                    RCSB 
_pdbx_database_status.process_site                    RCSB 
_pdbx_database_status.status_code_sf                  REL 
_pdbx_database_status.status_code_mr                  ? 
_pdbx_database_status.SG_entry                        ? 
_pdbx_database_status.status_code_cs                  ? 
_pdbx_database_status.methods_development_category    ? 
_pdbx_database_status.pdb_format_compatible           Y 
_pdbx_database_status.status_code_nmr_data            ? 
# 
loop_
_audit_author.name 
_audit_author.pdbx_ordinal 
'Hegemann, J.D.' 1 
'Zimmermann, M.' 2 
'Zhu, S.'        3 
'Steuber, H.'    4 
'Harms, K.'      5 
'Xie, X.'        6 
'Marahiel, M.A.' 7 
# 
_citation.id                        primary 
_citation.title                     'Xanthomonins I-III: A New Class of Lasso Peptides with a Seven-Residue Macrolactam Ring.' 
_citation.journal_abbrev            Angew.Chem.Int.Ed.Engl. 
_citation.journal_volume            53 
_citation.page_first                2230 
_citation.page_last                 2234 
_citation.year                      2014 
_citation.journal_id_ASTM           ? 
_citation.country                   GE 
_citation.journal_id_ISSN           1433-7851 
_citation.journal_id_CSD            9999 
_citation.book_publisher            ? 
_citation.pdbx_database_id_PubMed   24446383 
_citation.pdbx_database_id_DOI      10.1002/anie.201309267 
# 
loop_
_citation_author.citation_id 
_citation_author.name 
_citation_author.ordinal 
_citation_author.identifier_ORCID 
primary 'Hegemann, J.D.' 1 ? 
primary 'Zimmermann, M.' 2 ? 
primary 'Zhu, S.'        3 ? 
primary 'Steuber, H.'    4 ? 
primary 'Harms, K.'      5 ? 
primary 'Xie, X.'        6 ? 
primary 'Marahiel, M.A.' 7 ? 
# 
loop_
_entity.id 
_entity.type 
_entity.src_method 
_entity.pdbx_description 
_entity.formula_weight 
_entity.pdbx_number_of_molecules 
_entity.pdbx_ec 
_entity.pdbx_mutation 
_entity.pdbx_fragment 
_entity.details 
1 polymer     man 'Xanthomonin I' 1470.584 2  ? ? ? ? 
2 non-polymer syn HEXANE-1,6-DIOL 118.174  1  ? ? ? ? 
3 water       nat water           18.015   37 ? ? ? ? 
# 
_entity_poly.entity_id                      1 
_entity_poly.type                           'polypeptide(L)' 
_entity_poly.nstd_linkage                   no 
_entity_poly.nstd_monomer                   no 
_entity_poly.pdbx_seq_one_letter_code       GGPLAGEEIGGFNVPG 
_entity_poly.pdbx_seq_one_letter_code_can   GGPLAGEEIGGFNVPG 
_entity_poly.pdbx_strand_id                 A,B 
_entity_poly.pdbx_target_identifier         ? 
# 
loop_
_pdbx_entity_nonpoly.entity_id 
_pdbx_entity_nonpoly.name 
_pdbx_entity_nonpoly.comp_id 
2 HEXANE-1,6-DIOL HEZ 
3 water           HOH 
# 
loop_
_entity_poly_seq.entity_id 
_entity_poly_seq.num 
_entity_poly_seq.mon_id 
_entity_poly_seq.hetero 
1 1  GLY n 
1 2  GLY n 
1 3  PRO n 
1 4  LEU n 
1 5  ALA n 
1 6  GLY n 
1 7  GLU n 
1 8  GLU n 
1 9  ILE n 
1 10 GLY n 
1 11 GLY n 
1 12 PHE n 
1 13 ASN n 
1 14 VAL n 
1 15 PRO n 
1 16 GLY n 
# 
_entity_src_gen.entity_id                          1 
_entity_src_gen.pdbx_src_id                        1 
_entity_src_gen.pdbx_alt_source_flag               sample 
_entity_src_gen.pdbx_seq_type                      ? 
_entity_src_gen.pdbx_beg_seq_num                   ? 
_entity_src_gen.pdbx_end_seq_num                   ? 
_entity_src_gen.gene_src_common_name               ? 
_entity_src_gen.gene_src_genus                     ? 
_entity_src_gen.pdbx_gene_src_gene                 XGA_4058 
_entity_src_gen.gene_src_species                   ? 
_entity_src_gen.gene_src_strain                    'ATCC 19865' 
_entity_src_gen.gene_src_tissue                    ? 
_entity_src_gen.gene_src_tissue_fraction           ? 
_entity_src_gen.gene_src_details                   ? 
_entity_src_gen.pdbx_gene_src_fragment             ? 
_entity_src_gen.pdbx_gene_src_scientific_name      'Xanthomonas gardneri' 
_entity_src_gen.pdbx_gene_src_ncbi_taxonomy_id     925777 
_entity_src_gen.pdbx_gene_src_variant              ? 
_entity_src_gen.pdbx_gene_src_cell_line            ? 
_entity_src_gen.pdbx_gene_src_atcc                 ? 
_entity_src_gen.pdbx_gene_src_organ                ? 
_entity_src_gen.pdbx_gene_src_organelle            ? 
_entity_src_gen.pdbx_gene_src_cell                 ? 
_entity_src_gen.pdbx_gene_src_cellular_location    ? 
_entity_src_gen.host_org_common_name               ? 
_entity_src_gen.pdbx_host_org_scientific_name      'Escherichia coli' 
_entity_src_gen.pdbx_host_org_ncbi_taxonomy_id     562 
_entity_src_gen.host_org_genus                     ? 
_entity_src_gen.pdbx_host_org_gene                 ? 
_entity_src_gen.pdbx_host_org_organ                ? 
_entity_src_gen.host_org_species                   ? 
_entity_src_gen.pdbx_host_org_tissue               ? 
_entity_src_gen.pdbx_host_org_tissue_fraction      ? 
_entity_src_gen.pdbx_host_org_strain               ? 
_entity_src_gen.pdbx_host_org_variant              ? 
_entity_src_gen.pdbx_host_org_cell_line            ? 
_entity_src_gen.pdbx_host_org_atcc                 ? 
_entity_src_gen.pdbx_host_org_culture_collection   ? 
_entity_src_gen.pdbx_host_org_cell                 ? 
_entity_src_gen.pdbx_host_org_organelle            ? 
_entity_src_gen.pdbx_host_org_cellular_location    ? 
_entity_src_gen.pdbx_host_org_vector_type          ? 
_entity_src_gen.pdbx_host_org_vector               ? 
_entity_src_gen.host_org_details                   ? 
_entity_src_gen.expression_system_id               ? 
_entity_src_gen.plasmid_name                       ? 
_entity_src_gen.plasmid_details                    ? 
_entity_src_gen.pdbx_description                   ? 
# 
loop_
_chem_comp.id 
_chem_comp.type 
_chem_comp.mon_nstd_flag 
_chem_comp.name 
_chem_comp.pdbx_synonyms 
_chem_comp.formula 
_chem_comp.formula_weight 
ALA 'L-peptide linking' y ALANINE         ? 'C3 H7 N O2'  89.093  
ASN 'L-peptide linking' y ASPARAGINE      ? 'C4 H8 N2 O3' 132.118 
GLU 'L-peptide linking' y 'GLUTAMIC ACID' ? 'C5 H9 N O4'  147.129 
GLY 'peptide linking'   y GLYCINE         ? 'C2 H5 N O2'  75.067  
HEZ non-polymer         . HEXANE-1,6-DIOL ? 'C6 H14 O2'   118.174 
HOH non-polymer         . WATER           ? 'H2 O'        18.015  
ILE 'L-peptide linking' y ISOLEUCINE      ? 'C6 H13 N O2' 131.173 
LEU 'L-peptide linking' y LEUCINE         ? 'C6 H13 N O2' 131.173 
PHE 'L-peptide linking' y PHENYLALANINE   ? 'C9 H11 N O2' 165.189 
PRO 'L-peptide linking' y PROLINE         ? 'C5 H9 N O2'  115.130 
VAL 'L-peptide linking' y VALINE          ? 'C5 H11 N O2' 117.146 
# 
loop_
_pdbx_poly_seq_scheme.asym_id 
_pdbx_poly_seq_scheme.entity_id 
_pdbx_poly_seq_scheme.seq_id 
_pdbx_poly_seq_scheme.mon_id 
_pdbx_poly_seq_scheme.ndb_seq_num 
_pdbx_poly_seq_scheme.pdb_seq_num 
_pdbx_poly_seq_scheme.auth_seq_num 
_pdbx_poly_seq_scheme.pdb_mon_id 
_pdbx_poly_seq_scheme.auth_mon_id 
_pdbx_poly_seq_scheme.pdb_strand_id 
_pdbx_poly_seq_scheme.pdb_ins_code 
_pdbx_poly_seq_scheme.hetero 
A 1 1  GLY 1  1  1  GLY GLY A . n 
A 1 2  GLY 2  2  2  GLY GLY A . n 
A 1 3  PRO 3  3  3  PRO PRO A . n 
A 1 4  LEU 4  4  4  LEU LEU A . n 
A 1 5  ALA 5  5  5  ALA ALA A . n 
A 1 6  GLY 6  6  6  GLY GLY A . n 
A 1 7  GLU 7  7  7  GLU GLU A . n 
A 1 8  GLU 8  8  8  GLU GLU A . n 
A 1 9  ILE 9  9  9  ILE ILE A . n 
A 1 10 GLY 10 10 10 GLY GLY A . n 
A 1 11 GLY 11 11 11 GLY GLY A . n 
A 1 12 PHE 12 12 12 PHE PHE A . n 
A 1 13 ASN 13 13 13 ASN ASN A . n 
A 1 14 VAL 14 14 14 VAL VAL A . n 
A 1 15 PRO 15 15 15 PRO PRO A . n 
A 1 16 GLY 16 16 16 GLY GLY A . n 
B 1 1  GLY 1  1  1  GLY GLY B . n 
B 1 2  GLY 2  2  2  GLY GLY B . n 
B 1 3  PRO 3  3  3  PRO PRO B . n 
B 1 4  LEU 4  4  4  LEU LEU B . n 
B 1 5  ALA 5  5  5  ALA ALA B . n 
B 1 6  GLY 6  6  6  GLY GLY B . n 
B 1 7  GLU 7  7  7  GLU GLU B . n 
B 1 8  GLU 8  8  8  GLU GLU B . n 
B 1 9  ILE 9  9  9  ILE ILE B . n 
B 1 10 GLY 10 10 10 GLY GLY B . n 
B 1 11 GLY 11 11 11 GLY GLY B . n 
B 1 12 PHE 12 12 12 PHE PHE B . n 
B 1 13 ASN 13 13 13 ASN ASN B . n 
B 1 14 VAL 14 14 14 VAL VAL B . n 
B 1 15 PRO 15 15 15 PRO PRO B . n 
B 1 16 GLY 16 16 16 GLY GLY B . n 
# 
loop_
_pdbx_nonpoly_scheme.asym_id 
_pdbx_nonpoly_scheme.entity_id 
_pdbx_nonpoly_scheme.mon_id 
_pdbx_nonpoly_scheme.ndb_seq_num 
_pdbx_nonpoly_scheme.pdb_seq_num 
_pdbx_nonpoly_scheme.auth_seq_num 
_pdbx_nonpoly_scheme.pdb_mon_id 
_pdbx_nonpoly_scheme.auth_mon_id 
_pdbx_nonpoly_scheme.pdb_strand_id 
_pdbx_nonpoly_scheme.pdb_ins_code 
C 2 HEZ 1  101 102 HEZ HDO A . 
D 3 HOH 1  201 101 HOH HOH A . 
D 3 HOH 2  202 103 HOH HOH A . 
D 3 HOH 3  203 103 HOH HOH A . 
D 3 HOH 4  204 103 HOH HOH A . 
D 3 HOH 5  205 103 HOH HOH A . 
D 3 HOH 6  206 103 HOH HOH A . 
D 3 HOH 7  207 103 HOH HOH A . 
D 3 HOH 8  208 103 HOH HOH A . 
D 3 HOH 9  209 103 HOH HOH A . 
D 3 HOH 10 210 103 HOH HOH A . 
D 3 HOH 11 211 103 HOH HOH A . 
D 3 HOH 12 212 103 HOH HOH A . 
D 3 HOH 13 213 103 HOH HOH A . 
E 3 HOH 1  101 103 HOH HOH B . 
E 3 HOH 2  102 103 HOH HOH B . 
E 3 HOH 3  103 103 HOH HOH B . 
E 3 HOH 4  104 103 HOH HOH B . 
E 3 HOH 5  105 103 HOH HOH B . 
E 3 HOH 6  106 103 HOH HOH B . 
E 3 HOH 7  107 103 HOH HOH B . 
E 3 HOH 8  108 103 HOH HOH B . 
E 3 HOH 9  109 103 HOH HOH B . 
E 3 HOH 10 110 103 HOH HOH B . 
E 3 HOH 11 111 103 HOH HOH B . 
E 3 HOH 12 112 103 HOH HOH B . 
E 3 HOH 13 113 103 HOH HOH B . 
E 3 HOH 14 114 103 HOH HOH B . 
E 3 HOH 15 115 103 HOH HOH B . 
E 3 HOH 16 116 103 HOH HOH B . 
E 3 HOH 17 117 103 HOH HOH B . 
E 3 HOH 18 118 103 HOH HOH B . 
E 3 HOH 19 119 103 HOH HOH B . 
E 3 HOH 20 120 103 HOH HOH B . 
E 3 HOH 21 121 103 HOH HOH B . 
E 3 HOH 22 122 103 HOH HOH B . 
E 3 HOH 23 123 103 HOH HOH B . 
E 3 HOH 24 124 103 HOH HOH B . 
# 
loop_
_software.name 
_software.classification 
_software.version 
_software.citation_id 
_software.pdbx_ordinal 
SHELX     'model building' . ? 1 
SHELXL-97 refinement       . ? 2 
SHELX     phasing          . ? 3 
# 
_cell.entry_id           4NAG 
_cell.length_a           13.804 
_cell.length_b           45.096 
_cell.length_c           13.890 
_cell.angle_alpha        90.00 
_cell.angle_beta         91.42 
_cell.angle_gamma        90.00 
_cell.Z_PDB              4 
_cell.pdbx_unique_axis   ? 
_cell.length_a_esd       ? 
_cell.length_b_esd       ? 
_cell.length_c_esd       ? 
_cell.angle_alpha_esd    ? 
_cell.angle_beta_esd     ? 
_cell.angle_gamma_esd    ? 
# 
_symmetry.entry_id                         4NAG 
_symmetry.space_group_name_H-M             'P 1 21 1' 
_symmetry.pdbx_full_space_group_name_H-M   ? 
_symmetry.cell_setting                     ? 
_symmetry.Int_Tables_number                4 
_symmetry.space_group_name_Hall            ? 
# 
_exptl.entry_id          4NAG 
_exptl.method            'X-RAY DIFFRACTION' 
_exptl.crystals_number   ? 
# 
_exptl_crystal.id                    1 
_exptl_crystal.density_meas          ? 
_exptl_crystal.density_Matthews      1.47 
_exptl_crystal.density_percent_sol   16.30 
_exptl_crystal.description           ? 
_exptl_crystal.F_000                 ? 
_exptl_crystal.preparation           ? 
# 
_diffrn.id                     1 
_diffrn.ambient_temp           100 
_diffrn.ambient_temp_details   ? 
_diffrn.crystal_id             1 
# 
_diffrn_detector.diffrn_id              1 
_diffrn_detector.detector               PIXEL 
_diffrn_detector.type                   'PSI PILATUS 6M' 
_diffrn_detector.pdbx_collection_date   2013-02-01 
_diffrn_detector.details                ? 
# 
_diffrn_radiation.diffrn_id                        1 
_diffrn_radiation.wavelength_id                    1 
_diffrn_radiation.pdbx_monochromatic_or_laue_m_l   M 
_diffrn_radiation.monochromator                    ? 
_diffrn_radiation.pdbx_diffrn_protocol             'SINGLE WAVELENGTH' 
_diffrn_radiation.pdbx_scattering_type             x-ray 
# 
_diffrn_radiation_wavelength.id           1 
_diffrn_radiation_wavelength.wavelength   0.8 
_diffrn_radiation_wavelength.wt           1.0 
# 
_diffrn_source.diffrn_id                   1 
_diffrn_source.source                      SYNCHROTRON 
_diffrn_source.type                        'BESSY BEAMLINE 14.1' 
_diffrn_source.pdbx_synchrotron_site       BESSY 
_diffrn_source.pdbx_synchrotron_beamline   14.1 
_diffrn_source.pdbx_wavelength             ? 
_diffrn_source.pdbx_wavelength_list        0.8 
# 
_reflns.pdbx_diffrn_id               1 
_reflns.pdbx_ordinal                 1 
_reflns.entry_id                     4NAG 
_reflns.observed_criterion_sigma_I   2.0 
_reflns.observed_criterion_sigma_F   4.0 
_reflns.d_resolution_low             23.55 
_reflns.d_resolution_high            0.81 
_reflns.number_obs                   23992 
_reflns.number_all                   24760 
_reflns.percent_possible_obs         84.6 
_reflns.pdbx_Rmerge_I_obs            ? 
_reflns.pdbx_Rsym_value              ? 
_reflns.pdbx_netI_over_sigmaI        ? 
_reflns.B_iso_Wilson_estimate        ? 
_reflns.pdbx_redundancy              ? 
_reflns.R_free_details               ? 
_reflns.limit_h_max                  ? 
_reflns.limit_h_min                  ? 
_reflns.limit_k_max                  ? 
_reflns.limit_k_min                  ? 
_reflns.limit_l_max                  ? 
_reflns.limit_l_min                  ? 
_reflns.observed_criterion_F_max     ? 
_reflns.observed_criterion_F_min     ? 
_reflns.pdbx_chi_squared             ? 
_reflns.pdbx_scaling_rejects         ? 
# 
_refine.pdbx_refine_id                           'X-RAY DIFFRACTION' 
_refine.entry_id                                 4NAG 
_refine.pdbx_diffrn_id                           1 
_refine.pdbx_TLS_residual_ADP_flag               ? 
_refine.ls_number_reflns_obs                     23992 
_refine.ls_number_reflns_all                     24760 
_refine.pdbx_ls_sigma_I                          ? 
_refine.pdbx_ls_sigma_F                          0.0 
_refine.pdbx_data_cutoff_high_absF               ? 
_refine.pdbx_data_cutoff_low_absF                ? 
_refine.pdbx_data_cutoff_high_rms_absF           ? 
_refine.ls_d_res_low                             23.55 
_refine.ls_d_res_high                            0.81 
_refine.ls_percent_reflns_obs                    85 
_refine.ls_R_factor_obs                          ? 
_refine.ls_R_factor_all                          0.054 
_refine.ls_R_factor_R_work                       ? 
_refine.ls_R_factor_R_free                       ? 
_refine.ls_R_factor_R_free_error                 ? 
_refine.ls_R_factor_R_free_error_details         ? 
_refine.ls_percent_reflns_R_free                 ? 
_refine.ls_number_reflns_R_free                  ? 
_refine.ls_number_parameters                     2161 
_refine.ls_number_restraints                     ? 
_refine.occupancy_min                            ? 
_refine.occupancy_max                            ? 
_refine.correlation_coeff_Fo_to_Fc               ? 
_refine.correlation_coeff_Fo_to_Fc_free          ? 
_refine.B_iso_mean                               ? 
_refine.aniso_B[1][1]                            ? 
_refine.aniso_B[2][2]                            ? 
_refine.aniso_B[3][3]                            ? 
_refine.aniso_B[1][2]                            ? 
_refine.aniso_B[1][3]                            ? 
_refine.aniso_B[2][3]                            ? 
_refine.solvent_model_details                    ? 
_refine.solvent_model_param_ksol                 ? 
_refine.solvent_model_param_bsol                 ? 
_refine.pdbx_solvent_vdw_probe_radii             ? 
_refine.pdbx_solvent_ion_probe_radii             ? 
_refine.pdbx_solvent_shrinkage_radii             ? 
_refine.pdbx_ls_cross_valid_method               ? 
_refine.details                                  'AUTHOR CONFIRMED THAT R-FREE WAS NOT USED.' 
_refine.pdbx_starting_model                      ? 
_refine.pdbx_method_to_determine_struct          'AB INITIO' 
_refine.pdbx_isotropic_thermal_model             ? 
_refine.pdbx_stereochemistry_target_values       'ENGH AND HUBER' 
_refine.pdbx_stereochem_target_val_spec_case     ? 
_refine.pdbx_R_Free_selection_details            ? 
_refine.pdbx_overall_ESU_R                       ? 
_refine.pdbx_overall_ESU_R_Free                  ? 
_refine.overall_SU_ML                            ? 
_refine.pdbx_overall_phase_error                 ? 
_refine.overall_SU_B                             ? 
_refine.overall_SU_R_Cruickshank_DPI             ? 
_refine.pdbx_overall_SU_R_free_Cruickshank_DPI   ? 
_refine.pdbx_overall_SU_R_Blow_DPI               ? 
_refine.pdbx_overall_SU_R_free_Blow_DPI          ? 
_refine.ls_redundancy_reflns_obs                 ? 
_refine.B_iso_min                                ? 
_refine.B_iso_max                                ? 
_refine.overall_SU_R_free                        ? 
_refine.ls_wR_factor_R_free                      ? 
_refine.ls_wR_factor_R_work                      ? 
_refine.overall_FOM_free_R_set                   ? 
_refine.overall_FOM_work_R_set                   ? 
# 
_refine_analyze.pdbx_refine_id                  'X-RAY DIFFRACTION' 
_refine_analyze.entry_id                        4NAG 
_refine_analyze.Luzzati_coordinate_error_obs    ? 
_refine_analyze.Luzzati_sigma_a_obs             ? 
_refine_analyze.Luzzati_d_res_low_obs           ? 
_refine_analyze.Luzzati_coordinate_error_free   ? 
_refine_analyze.Luzzati_sigma_a_free            ? 
_refine_analyze.Luzzati_d_res_low_free          ? 
_refine_analyze.number_disordered_residues      2 
_refine_analyze.occupancy_sum_hydrogen          210.0 
_refine_analyze.occupancy_sum_non_hydrogen      232.8 
_refine_analyze.pdbx_Luzzati_d_res_high_obs     ? 
# 
_refine_hist.pdbx_refine_id                   'X-RAY DIFFRACTION' 
_refine_hist.cycle_id                         LAST 
_refine_hist.pdbx_number_atoms_protein        206 
_refine_hist.pdbx_number_atoms_nucleic_acid   0 
_refine_hist.pdbx_number_atoms_ligand         8 
_refine_hist.number_atoms_solvent             37 
_refine_hist.number_atoms_total               251 
_refine_hist.d_res_high                       0.81 
_refine_hist.d_res_low                        23.55 
# 
loop_
_refine_ls_restr.type 
_refine_ls_restr.dev_ideal 
_refine_ls_restr.dev_ideal_target 
_refine_ls_restr.weight 
_refine_ls_restr.number 
_refine_ls_restr.pdbx_refine_id 
_refine_ls_restr.pdbx_restraint_function 
s_bond_d               0.0284 ? ? ? 'X-RAY DIFFRACTION' ? 
s_angle_d              0      ? ? ? 'X-RAY DIFFRACTION' ? 
s_similar_dist         0      ? ? ? 'X-RAY DIFFRACTION' ? 
s_from_restr_planes    0      ? ? ? 'X-RAY DIFFRACTION' ? 
s_zero_chiral_vol      0      ? ? ? 'X-RAY DIFFRACTION' ? 
s_non_zero_chiral_vol  0      ? ? ? 'X-RAY DIFFRACTION' ? 
s_anti_bump_dis_restr  0      ? ? ? 'X-RAY DIFFRACTION' ? 
s_rigid_bond_adp_cmpnt 0.04   ? ? ? 'X-RAY DIFFRACTION' ? 
s_similar_adp_cmpnt    0      ? ? ? 'X-RAY DIFFRACTION' ? 
s_approx_iso_adps      0      ? ? ? 'X-RAY DIFFRACTION' ? 
# 
_struct.entry_id                  4NAG 
_struct.title                     'Xanthomonins I III are a New Class of Lasso Peptides Featuringa Seven-Membered Macrolactam Ring' 
_struct.pdbx_model_details        ? 
_struct.pdbx_CASP_flag            ? 
_struct.pdbx_model_type_details   ? 
# 
_struct_keywords.entry_id        4NAG 
_struct_keywords.pdbx_keywords   'BIOSYNTHETIC PROTEIN' 
_struct_keywords.text            
'biosynthesis, lasso peptides, natural products, macrocycles, steric hindrance, Lariat knot, Lasso fold, BIOSYNTHETIC PROTEIN' 
# 
loop_
_struct_asym.id 
_struct_asym.pdbx_blank_PDB_chainid_flag 
_struct_asym.pdbx_modified 
_struct_asym.entity_id 
_struct_asym.details 
A N N 1 ? 
B N N 1 ? 
C N N 2 ? 
D N N 3 ? 
E N N 3 ? 
# 
_struct_ref.id                         1 
_struct_ref.db_name                    UNP 
_struct_ref.db_code                    F0CAT0_9XANT 
_struct_ref.pdbx_db_accession          F0CAT0 
_struct_ref.entity_id                  1 
_struct_ref.pdbx_seq_one_letter_code   GGPLAGEEIGGFNVPG 
_struct_ref.pdbx_align_begin           27 
_struct_ref.pdbx_db_isoform            ? 
# 
loop_
_struct_ref_seq.align_id 
_struct_ref_seq.ref_id 
_struct_ref_seq.pdbx_PDB_id_code 
_struct_ref_seq.pdbx_strand_id 
_struct_ref_seq.seq_align_beg 
_struct_ref_seq.pdbx_seq_align_beg_ins_code 
_struct_ref_seq.seq_align_end 
_struct_ref_seq.pdbx_seq_align_end_ins_code 
_struct_ref_seq.pdbx_db_accession 
_struct_ref_seq.db_align_beg 
_struct_ref_seq.pdbx_db_align_beg_ins_code 
_struct_ref_seq.db_align_end 
_struct_ref_seq.pdbx_db_align_end_ins_code 
_struct_ref_seq.pdbx_auth_seq_align_beg 
_struct_ref_seq.pdbx_auth_seq_align_end 
1 1 4NAG A 1 ? 16 ? F0CAT0 27 ? 42 ? 1 16 
2 1 4NAG B 1 ? 16 ? F0CAT0 27 ? 42 ? 1 16 
# 
loop_
_pdbx_struct_assembly.id 
_pdbx_struct_assembly.details 
_pdbx_struct_assembly.method_details 
_pdbx_struct_assembly.oligomeric_details 
_pdbx_struct_assembly.oligomeric_count 
1 software_defined_assembly PISA monomeric 1 
2 software_defined_assembly PISA monomeric 1 
# 
loop_
_pdbx_struct_assembly_gen.assembly_id 
_pdbx_struct_assembly_gen.oper_expression 
_pdbx_struct_assembly_gen.asym_id_list 
1 1 A,C,D 
2 1 B,E   
# 
_pdbx_struct_oper_list.id                   1 
_pdbx_struct_oper_list.type                 'identity operation' 
_pdbx_struct_oper_list.name                 1_555 
_pdbx_struct_oper_list.symmetry_operation   x,y,z 
_pdbx_struct_oper_list.matrix[1][1]         1.0000000000 
_pdbx_struct_oper_list.matrix[1][2]         0.0000000000 
_pdbx_struct_oper_list.matrix[1][3]         0.0000000000 
_pdbx_struct_oper_list.vector[1]            0.0000000000 
_pdbx_struct_oper_list.matrix[2][1]         0.0000000000 
_pdbx_struct_oper_list.matrix[2][2]         1.0000000000 
_pdbx_struct_oper_list.matrix[2][3]         0.0000000000 
_pdbx_struct_oper_list.vector[2]            0.0000000000 
_pdbx_struct_oper_list.matrix[3][1]         0.0000000000 
_pdbx_struct_oper_list.matrix[3][2]         0.0000000000 
_pdbx_struct_oper_list.matrix[3][3]         1.0000000000 
_pdbx_struct_oper_list.vector[3]            0.0000000000 
# 
_struct_biol.id        1 
_struct_biol.details   ? 
# 
loop_
_struct_conn.id 
_struct_conn.conn_type_id 
_struct_conn.pdbx_leaving_atom_flag 
_struct_conn.pdbx_PDB_id 
_struct_conn.ptnr1_label_asym_id 
_struct_conn.ptnr1_label_comp_id 
_struct_conn.ptnr1_label_seq_id 
_struct_conn.ptnr1_label_atom_id 
_struct_conn.pdbx_ptnr1_label_alt_id 
_struct_conn.pdbx_ptnr1_PDB_ins_code 
_struct_conn.pdbx_ptnr1_standard_comp_id 
_struct_conn.ptnr1_symmetry 
_struct_conn.ptnr2_label_asym_id 
_struct_conn.ptnr2_label_comp_id 
_struct_conn.ptnr2_label_seq_id 
_struct_conn.ptnr2_label_atom_id 
_struct_conn.pdbx_ptnr2_label_alt_id 
_struct_conn.pdbx_ptnr2_PDB_ins_code 
_struct_conn.ptnr1_auth_asym_id 
_struct_conn.ptnr1_auth_comp_id 
_struct_conn.ptnr1_auth_seq_id 
_struct_conn.ptnr2_auth_asym_id 
_struct_conn.ptnr2_auth_comp_id 
_struct_conn.ptnr2_auth_seq_id 
_struct_conn.ptnr2_symmetry 
_struct_conn.pdbx_ptnr3_label_atom_id 
_struct_conn.pdbx_ptnr3_label_seq_id 
_struct_conn.pdbx_ptnr3_label_comp_id 
_struct_conn.pdbx_ptnr3_label_asym_id 
_struct_conn.pdbx_ptnr3_label_alt_id 
_struct_conn.pdbx_ptnr3_PDB_ins_code 
_struct_conn.details 
_struct_conn.pdbx_dist_value 
_struct_conn.pdbx_value_order 
_struct_conn.pdbx_role 
covale1 covale one ? A GLY 1 N ? ? ? 1_555 A GLU 7 CD ? ? A GLY 1 A GLU 7 1_555 ? ? ? ? ? ? ? 1.339 ? ? 
covale2 covale one ? B GLY 1 N ? ? ? 1_555 B GLU 7 CD ? ? B GLY 1 B GLU 7 1_555 ? ? ? ? ? ? ? 1.340 ? ? 
# 
_struct_conn_type.id          covale 
_struct_conn_type.criteria    ? 
_struct_conn_type.reference   ? 
# 
loop_
_pdbx_modification_feature.ordinal 
_pdbx_modification_feature.label_comp_id 
_pdbx_modification_feature.label_asym_id 
_pdbx_modification_feature.label_seq_id 
_pdbx_modification_feature.label_alt_id 
_pdbx_modification_feature.modified_residue_label_comp_id 
_pdbx_modification_feature.modified_residue_label_asym_id 
_pdbx_modification_feature.modified_residue_label_seq_id 
_pdbx_modification_feature.modified_residue_label_alt_id 
_pdbx_modification_feature.auth_comp_id 
_pdbx_modification_feature.auth_asym_id 
_pdbx_modification_feature.auth_seq_id 
_pdbx_modification_feature.PDB_ins_code 
_pdbx_modification_feature.symmetry 
_pdbx_modification_feature.modified_residue_auth_comp_id 
_pdbx_modification_feature.modified_residue_auth_asym_id 
_pdbx_modification_feature.modified_residue_auth_seq_id 
_pdbx_modification_feature.modified_residue_PDB_ins_code 
_pdbx_modification_feature.modified_residue_symmetry 
_pdbx_modification_feature.comp_id_linking_atom 
_pdbx_modification_feature.modified_residue_id_linking_atom 
_pdbx_modification_feature.modified_residue_id 
_pdbx_modification_feature.ref_pcm_id 
_pdbx_modification_feature.ref_comp_id 
_pdbx_modification_feature.type 
_pdbx_modification_feature.category 
1 GLY A 1 ? GLU A 7 ? GLY A 1 ? 1_555 GLU A 7 ? 1_555 N CD . . . None 'Isopeptide bond' 
2 GLY B 1 ? GLU B 7 ? GLY B 1 ? 1_555 GLU B 7 ? 1_555 N CD . . . None 'Isopeptide bond' 
# 
loop_
_struct_sheet.id 
_struct_sheet.type 
_struct_sheet.number_strands 
_struct_sheet.details 
A ? 2 ? 
B ? 2 ? 
# 
loop_
_struct_sheet_order.sheet_id 
_struct_sheet_order.range_id_1 
_struct_sheet_order.range_id_2 
_struct_sheet_order.offset 
_struct_sheet_order.sense 
A 1 2 ? anti-parallel 
B 1 2 ? anti-parallel 
# 
loop_
_struct_sheet_range.sheet_id 
_struct_sheet_range.id 
_struct_sheet_range.beg_label_comp_id 
_struct_sheet_range.beg_label_asym_id 
_struct_sheet_range.beg_label_seq_id 
_struct_sheet_range.pdbx_beg_PDB_ins_code 
_struct_sheet_range.end_label_comp_id 
_struct_sheet_range.end_label_asym_id 
_struct_sheet_range.end_label_seq_id 
_struct_sheet_range.pdbx_end_PDB_ins_code 
_struct_sheet_range.beg_auth_comp_id 
_struct_sheet_range.beg_auth_asym_id 
_struct_sheet_range.beg_auth_seq_id 
_struct_sheet_range.end_auth_comp_id 
_struct_sheet_range.end_auth_asym_id 
_struct_sheet_range.end_auth_seq_id 
A 1 ALA A 5  ? GLY A 6  ? ALA A 5  GLY A 6  
A 2 GLY A 11 ? ASN A 13 ? GLY A 11 ASN A 13 
B 1 ALA B 5  ? GLY B 6  ? ALA B 5  GLY B 6  
B 2 GLY B 11 ? ASN B 13 ? GLY B 11 ASN B 13 
# 
loop_
_pdbx_struct_sheet_hbond.sheet_id 
_pdbx_struct_sheet_hbond.range_id_1 
_pdbx_struct_sheet_hbond.range_id_2 
_pdbx_struct_sheet_hbond.range_1_label_atom_id 
_pdbx_struct_sheet_hbond.range_1_label_comp_id 
_pdbx_struct_sheet_hbond.range_1_label_asym_id 
_pdbx_struct_sheet_hbond.range_1_label_seq_id 
_pdbx_struct_sheet_hbond.range_1_PDB_ins_code 
_pdbx_struct_sheet_hbond.range_1_auth_atom_id 
_pdbx_struct_sheet_hbond.range_1_auth_comp_id 
_pdbx_struct_sheet_hbond.range_1_auth_asym_id 
_pdbx_struct_sheet_hbond.range_1_auth_seq_id 
_pdbx_struct_sheet_hbond.range_2_label_atom_id 
_pdbx_struct_sheet_hbond.range_2_label_comp_id 
_pdbx_struct_sheet_hbond.range_2_label_asym_id 
_pdbx_struct_sheet_hbond.range_2_label_seq_id 
_pdbx_struct_sheet_hbond.range_2_PDB_ins_code 
_pdbx_struct_sheet_hbond.range_2_auth_atom_id 
_pdbx_struct_sheet_hbond.range_2_auth_comp_id 
_pdbx_struct_sheet_hbond.range_2_auth_asym_id 
_pdbx_struct_sheet_hbond.range_2_auth_seq_id 
A 1 2 N ALA A 5 ? N ALA A 5 O ASN A 13 ? O ASN A 13 
B 1 2 N ALA B 5 ? N ALA B 5 O ASN B 13 ? O ASN B 13 
# 
_struct_site.id                   AC1 
_struct_site.pdbx_evidence_code   Software 
_struct_site.pdbx_auth_asym_id    A 
_struct_site.pdbx_auth_comp_id    HEZ 
_struct_site.pdbx_auth_seq_id     101 
_struct_site.pdbx_auth_ins_code   ? 
_struct_site.pdbx_num_residues    11 
_struct_site.details              'BINDING SITE FOR RESIDUE HEZ A 101' 
# 
loop_
_struct_site_gen.id 
_struct_site_gen.site_id 
_struct_site_gen.pdbx_num_res 
_struct_site_gen.label_comp_id 
_struct_site_gen.label_asym_id 
_struct_site_gen.label_seq_id 
_struct_site_gen.pdbx_auth_ins_code 
_struct_site_gen.auth_comp_id 
_struct_site_gen.auth_asym_id 
_struct_site_gen.auth_seq_id 
_struct_site_gen.label_atom_id 
_struct_site_gen.label_alt_id 
_struct_site_gen.symmetry 
_struct_site_gen.details 
1  AC1 11 GLY A 1  ? GLY A 1   . ? 1_555 ? 
2  AC1 11 GLY A 2  ? GLY A 2   . ? 1_555 ? 
3  AC1 11 ASN A 13 ? ASN A 13  . ? 1_455 ? 
4  AC1 11 GLY A 16 ? GLY A 16  . ? 1_456 ? 
5  AC1 11 HOH D .  ? HOH A 209 . ? 1_555 ? 
6  AC1 11 HOH D .  ? HOH A 210 . ? 1_555 ? 
7  AC1 11 HOH D .  ? HOH A 211 . ? 1_555 ? 
8  AC1 11 HOH D .  ? HOH A 212 . ? 1_555 ? 
9  AC1 11 HOH D .  ? HOH A 213 . ? 1_555 ? 
10 AC1 11 GLU B 8  ? GLU B 8   . ? 1_556 ? 
11 AC1 11 HOH E .  ? HOH B 120 . ? 1_556 ? 
# 
_pdbx_entry_details.entry_id                   4NAG 
_pdbx_entry_details.compound_details           ? 
_pdbx_entry_details.source_details             ? 
_pdbx_entry_details.nonpolymer_details         ? 
_pdbx_entry_details.sequence_details           ? 
_pdbx_entry_details.has_ligand_of_interest     ? 
_pdbx_entry_details.has_protein_modification   Y 
# 
_pdbx_validate_rmsd_angle.id                         1 
_pdbx_validate_rmsd_angle.PDB_model_num              1 
_pdbx_validate_rmsd_angle.auth_atom_id_1             N 
_pdbx_validate_rmsd_angle.auth_asym_id_1             B 
_pdbx_validate_rmsd_angle.auth_comp_id_1             PRO 
_pdbx_validate_rmsd_angle.auth_seq_id_1              15 
_pdbx_validate_rmsd_angle.PDB_ins_code_1             ? 
_pdbx_validate_rmsd_angle.label_alt_id_1             ? 
_pdbx_validate_rmsd_angle.auth_atom_id_2             CD 
_pdbx_validate_rmsd_angle.auth_asym_id_2             B 
_pdbx_validate_rmsd_angle.auth_comp_id_2             PRO 
_pdbx_validate_rmsd_angle.auth_seq_id_2              15 
_pdbx_validate_rmsd_angle.PDB_ins_code_2             ? 
_pdbx_validate_rmsd_angle.label_alt_id_2             ? 
_pdbx_validate_rmsd_angle.auth_atom_id_3             CG 
_pdbx_validate_rmsd_angle.auth_asym_id_3             B 
_pdbx_validate_rmsd_angle.auth_comp_id_3             PRO 
_pdbx_validate_rmsd_angle.auth_seq_id_3              15 
_pdbx_validate_rmsd_angle.PDB_ins_code_3             ? 
_pdbx_validate_rmsd_angle.label_alt_id_3             B 
_pdbx_validate_rmsd_angle.angle_value                93.78 
_pdbx_validate_rmsd_angle.angle_target_value         103.20 
_pdbx_validate_rmsd_angle.angle_deviation            -9.42 
_pdbx_validate_rmsd_angle.angle_standard_deviation   1.50 
_pdbx_validate_rmsd_angle.linker_flag                N 
# 
loop_
_pdbx_validate_torsion.id 
_pdbx_validate_torsion.PDB_model_num 
_pdbx_validate_torsion.auth_comp_id 
_pdbx_validate_torsion.auth_asym_id 
_pdbx_validate_torsion.auth_seq_id 
_pdbx_validate_torsion.PDB_ins_code 
_pdbx_validate_torsion.label_alt_id 
_pdbx_validate_torsion.phi 
_pdbx_validate_torsion.psi 
1 1 LEU A 4 ? ? -126.39 -118.55 
2 1 LEU B 4 ? ? -111.53 -120.90 
# 
loop_
_chem_comp_atom.comp_id 
_chem_comp_atom.atom_id 
_chem_comp_atom.type_symbol 
_chem_comp_atom.pdbx_aromatic_flag 
_chem_comp_atom.pdbx_stereo_config 
_chem_comp_atom.pdbx_ordinal 
ALA N    N N N 1   
ALA CA   C N S 2   
ALA C    C N N 3   
ALA O    O N N 4   
ALA CB   C N N 5   
ALA OXT  O N N 6   
ALA H    H N N 7   
ALA H2   H N N 8   
ALA HA   H N N 9   
ALA HB1  H N N 10  
ALA HB2  H N N 11  
ALA HB3  H N N 12  
ALA HXT  H N N 13  
ASN N    N N N 14  
ASN CA   C N S 15  
ASN C    C N N 16  
ASN O    O N N 17  
ASN CB   C N N 18  
ASN CG   C N N 19  
ASN OD1  O N N 20  
ASN ND2  N N N 21  
ASN OXT  O N N 22  
ASN H    H N N 23  
ASN H2   H N N 24  
ASN HA   H N N 25  
ASN HB2  H N N 26  
ASN HB3  H N N 27  
ASN HD21 H N N 28  
ASN HD22 H N N 29  
ASN HXT  H N N 30  
GLU N    N N N 31  
GLU CA   C N S 32  
GLU C    C N N 33  
GLU O    O N N 34  
GLU CB   C N N 35  
GLU CG   C N N 36  
GLU CD   C N N 37  
GLU OE1  O N N 38  
GLU OE2  O N N 39  
GLU OXT  O N N 40  
GLU H    H N N 41  
GLU H2   H N N 42  
GLU HA   H N N 43  
GLU HB2  H N N 44  
GLU HB3  H N N 45  
GLU HG2  H N N 46  
GLU HG3  H N N 47  
GLU HE2  H N N 48  
GLU HXT  H N N 49  
GLY N    N N N 50  
GLY CA   C N N 51  
GLY C    C N N 52  
GLY O    O N N 53  
GLY OXT  O N N 54  
GLY H    H N N 55  
GLY H2   H N N 56  
GLY HA2  H N N 57  
GLY HA3  H N N 58  
GLY HXT  H N N 59  
HEZ O1   O N N 60  
HEZ C1   C N N 61  
HEZ C2   C N N 62  
HEZ C3   C N N 63  
HEZ C4   C N N 64  
HEZ C5   C N N 65  
HEZ C6   C N N 66  
HEZ O6   O N N 67  
HEZ HO1  H N N 68  
HEZ H11  H N N 69  
HEZ H12  H N N 70  
HEZ H21  H N N 71  
HEZ H22  H N N 72  
HEZ H31  H N N 73  
HEZ H32  H N N 74  
HEZ H41  H N N 75  
HEZ H42  H N N 76  
HEZ H51  H N N 77  
HEZ H52  H N N 78  
HEZ H61  H N N 79  
HEZ H62  H N N 80  
HEZ HO6  H N N 81  
HOH O    O N N 82  
HOH H1   H N N 83  
HOH H2   H N N 84  
ILE N    N N N 85  
ILE CA   C N S 86  
ILE C    C N N 87  
ILE O    O N N 88  
ILE CB   C N S 89  
ILE CG1  C N N 90  
ILE CG2  C N N 91  
ILE CD1  C N N 92  
ILE OXT  O N N 93  
ILE H    H N N 94  
ILE H2   H N N 95  
ILE HA   H N N 96  
ILE HB   H N N 97  
ILE HG12 H N N 98  
ILE HG13 H N N 99  
ILE HG21 H N N 100 
ILE HG22 H N N 101 
ILE HG23 H N N 102 
ILE HD11 H N N 103 
ILE HD12 H N N 104 
ILE HD13 H N N 105 
ILE HXT  H N N 106 
LEU N    N N N 107 
LEU CA   C N S 108 
LEU C    C N N 109 
LEU O    O N N 110 
LEU CB   C N N 111 
LEU CG   C N N 112 
LEU CD1  C N N 113 
LEU CD2  C N N 114 
LEU OXT  O N N 115 
LEU H    H N N 116 
LEU H2   H N N 117 
LEU HA   H N N 118 
LEU HB2  H N N 119 
LEU HB3  H N N 120 
LEU HG   H N N 121 
LEU HD11 H N N 122 
LEU HD12 H N N 123 
LEU HD13 H N N 124 
LEU HD21 H N N 125 
LEU HD22 H N N 126 
LEU HD23 H N N 127 
LEU HXT  H N N 128 
PHE N    N N N 129 
PHE CA   C N S 130 
PHE C    C N N 131 
PHE O    O N N 132 
PHE CB   C N N 133 
PHE CG   C Y N 134 
PHE CD1  C Y N 135 
PHE CD2  C Y N 136 
PHE CE1  C Y N 137 
PHE CE2  C Y N 138 
PHE CZ   C Y N 139 
PHE OXT  O N N 140 
PHE H    H N N 141 
PHE H2   H N N 142 
PHE HA   H N N 143 
PHE HB2  H N N 144 
PHE HB3  H N N 145 
PHE HD1  H N N 146 
PHE HD2  H N N 147 
PHE HE1  H N N 148 
PHE HE2  H N N 149 
PHE HZ   H N N 150 
PHE HXT  H N N 151 
PRO N    N N N 152 
PRO CA   C N S 153 
PRO C    C N N 154 
PRO O    O N N 155 
PRO CB   C N N 156 
PRO CG   C N N 157 
PRO CD   C N N 158 
PRO OXT  O N N 159 
PRO H    H N N 160 
PRO HA   H N N 161 
PRO HB2  H N N 162 
PRO HB3  H N N 163 
PRO HG2  H N N 164 
PRO HG3  H N N 165 
PRO HD2  H N N 166 
PRO HD3  H N N 167 
PRO HXT  H N N 168 
VAL N    N N N 169 
VAL CA   C N S 170 
VAL C    C N N 171 
VAL O    O N N 172 
VAL CB   C N N 173 
VAL CG1  C N N 174 
VAL CG2  C N N 175 
VAL OXT  O N N 176 
VAL H    H N N 177 
VAL H2   H N N 178 
VAL HA   H N N 179 
VAL HB   H N N 180 
VAL HG11 H N N 181 
VAL HG12 H N N 182 
VAL HG13 H N N 183 
VAL HG21 H N N 184 
VAL HG22 H N N 185 
VAL HG23 H N N 186 
VAL HXT  H N N 187 
# 
loop_
_chem_comp_bond.comp_id 
_chem_comp_bond.atom_id_1 
_chem_comp_bond.atom_id_2 
_chem_comp_bond.value_order 
_chem_comp_bond.pdbx_aromatic_flag 
_chem_comp_bond.pdbx_stereo_config 
_chem_comp_bond.pdbx_ordinal 
ALA N   CA   sing N N 1   
ALA N   H    sing N N 2   
ALA N   H2   sing N N 3   
ALA CA  C    sing N N 4   
ALA CA  CB   sing N N 5   
ALA CA  HA   sing N N 6   
ALA C   O    doub N N 7   
ALA C   OXT  sing N N 8   
ALA CB  HB1  sing N N 9   
ALA CB  HB2  sing N N 10  
ALA CB  HB3  sing N N 11  
ALA OXT HXT  sing N N 12  
ASN N   CA   sing N N 13  
ASN N   H    sing N N 14  
ASN N   H2   sing N N 15  
ASN CA  C    sing N N 16  
ASN CA  CB   sing N N 17  
ASN CA  HA   sing N N 18  
ASN C   O    doub N N 19  
ASN C   OXT  sing N N 20  
ASN CB  CG   sing N N 21  
ASN CB  HB2  sing N N 22  
ASN CB  HB3  sing N N 23  
ASN CG  OD1  doub N N 24  
ASN CG  ND2  sing N N 25  
ASN ND2 HD21 sing N N 26  
ASN ND2 HD22 sing N N 27  
ASN OXT HXT  sing N N 28  
GLU N   CA   sing N N 29  
GLU N   H    sing N N 30  
GLU N   H2   sing N N 31  
GLU CA  C    sing N N 32  
GLU CA  CB   sing N N 33  
GLU CA  HA   sing N N 34  
GLU C   O    doub N N 35  
GLU C   OXT  sing N N 36  
GLU CB  CG   sing N N 37  
GLU CB  HB2  sing N N 38  
GLU CB  HB3  sing N N 39  
GLU CG  CD   sing N N 40  
GLU CG  HG2  sing N N 41  
GLU CG  HG3  sing N N 42  
GLU CD  OE1  doub N N 43  
GLU CD  OE2  sing N N 44  
GLU OE2 HE2  sing N N 45  
GLU OXT HXT  sing N N 46  
GLY N   CA   sing N N 47  
GLY N   H    sing N N 48  
GLY N   H2   sing N N 49  
GLY CA  C    sing N N 50  
GLY CA  HA2  sing N N 51  
GLY CA  HA3  sing N N 52  
GLY C   O    doub N N 53  
GLY C   OXT  sing N N 54  
GLY OXT HXT  sing N N 55  
HEZ O1  C1   sing N N 56  
HEZ O1  HO1  sing N N 57  
HEZ C1  C2   sing N N 58  
HEZ C1  H11  sing N N 59  
HEZ C1  H12  sing N N 60  
HEZ C2  C3   sing N N 61  
HEZ C2  H21  sing N N 62  
HEZ C2  H22  sing N N 63  
HEZ C3  C4   sing N N 64  
HEZ C3  H31  sing N N 65  
HEZ C3  H32  sing N N 66  
HEZ C4  C5   sing N N 67  
HEZ C4  H41  sing N N 68  
HEZ C4  H42  sing N N 69  
HEZ C5  C6   sing N N 70  
HEZ C5  H51  sing N N 71  
HEZ C5  H52  sing N N 72  
HEZ C6  O6   sing N N 73  
HEZ C6  H61  sing N N 74  
HEZ C6  H62  sing N N 75  
HEZ O6  HO6  sing N N 76  
HOH O   H1   sing N N 77  
HOH O   H2   sing N N 78  
ILE N   CA   sing N N 79  
ILE N   H    sing N N 80  
ILE N   H2   sing N N 81  
ILE CA  C    sing N N 82  
ILE CA  CB   sing N N 83  
ILE CA  HA   sing N N 84  
ILE C   O    doub N N 85  
ILE C   OXT  sing N N 86  
ILE CB  CG1  sing N N 87  
ILE CB  CG2  sing N N 88  
ILE CB  HB   sing N N 89  
ILE CG1 CD1  sing N N 90  
ILE CG1 HG12 sing N N 91  
ILE CG1 HG13 sing N N 92  
ILE CG2 HG21 sing N N 93  
ILE CG2 HG22 sing N N 94  
ILE CG2 HG23 sing N N 95  
ILE CD1 HD11 sing N N 96  
ILE CD1 HD12 sing N N 97  
ILE CD1 HD13 sing N N 98  
ILE OXT HXT  sing N N 99  
LEU N   CA   sing N N 100 
LEU N   H    sing N N 101 
LEU N   H2   sing N N 102 
LEU CA  C    sing N N 103 
LEU CA  CB   sing N N 104 
LEU CA  HA   sing N N 105 
LEU C   O    doub N N 106 
LEU C   OXT  sing N N 107 
LEU CB  CG   sing N N 108 
LEU CB  HB2  sing N N 109 
LEU CB  HB3  sing N N 110 
LEU CG  CD1  sing N N 111 
LEU CG  CD2  sing N N 112 
LEU CG  HG   sing N N 113 
LEU CD1 HD11 sing N N 114 
LEU CD1 HD12 sing N N 115 
LEU CD1 HD13 sing N N 116 
LEU CD2 HD21 sing N N 117 
LEU CD2 HD22 sing N N 118 
LEU CD2 HD23 sing N N 119 
LEU OXT HXT  sing N N 120 
PHE N   CA   sing N N 121 
PHE N   H    sing N N 122 
PHE N   H2   sing N N 123 
PHE CA  C    sing N N 124 
PHE CA  CB   sing N N 125 
PHE CA  HA   sing N N 126 
PHE C   O    doub N N 127 
PHE C   OXT  sing N N 128 
PHE CB  CG   sing N N 129 
PHE CB  HB2  sing N N 130 
PHE CB  HB3  sing N N 131 
PHE CG  CD1  doub Y N 132 
PHE CG  CD2  sing Y N 133 
PHE CD1 CE1  sing Y N 134 
PHE CD1 HD1  sing N N 135 
PHE CD2 CE2  doub Y N 136 
PHE CD2 HD2  sing N N 137 
PHE CE1 CZ   doub Y N 138 
PHE CE1 HE1  sing N N 139 
PHE CE2 CZ   sing Y N 140 
PHE CE2 HE2  sing N N 141 
PHE CZ  HZ   sing N N 142 
PHE OXT HXT  sing N N 143 
PRO N   CA   sing N N 144 
PRO N   CD   sing N N 145 
PRO N   H    sing N N 146 
PRO CA  C    sing N N 147 
PRO CA  CB   sing N N 148 
PRO CA  HA   sing N N 149 
PRO C   O    doub N N 150 
PRO C   OXT  sing N N 151 
PRO CB  CG   sing N N 152 
PRO CB  HB2  sing N N 153 
PRO CB  HB3  sing N N 154 
PRO CG  CD   sing N N 155 
PRO CG  HG2  sing N N 156 
PRO CG  HG3  sing N N 157 
PRO CD  HD2  sing N N 158 
PRO CD  HD3  sing N N 159 
PRO OXT HXT  sing N N 160 
VAL N   CA   sing N N 161 
VAL N   H    sing N N 162 
VAL N   H2   sing N N 163 
VAL CA  C    sing N N 164 
VAL CA  CB   sing N N 165 
VAL CA  HA   sing N N 166 
VAL C   O    doub N N 167 
VAL C   OXT  sing N N 168 
VAL CB  CG1  sing N N 169 
VAL CB  CG2  sing N N 170 
VAL CB  HB   sing N N 171 
VAL CG1 HG11 sing N N 172 
VAL CG1 HG12 sing N N 173 
VAL CG1 HG13 sing N N 174 
VAL CG2 HG21 sing N N 175 
VAL CG2 HG22 sing N N 176 
VAL CG2 HG23 sing N N 177 
VAL OXT HXT  sing N N 178 
# 
_atom_sites.entry_id                    4NAG 
_atom_sites.fract_transf_matrix[1][1]   -0.00056842 
_atom_sites.fract_transf_matrix[1][2]   0.02819225 
_atom_sites.fract_transf_matrix[1][3]   0.06675393 
_atom_sites.fract_transf_matrix[2][1]   0.02203854 
_atom_sites.fract_transf_matrix[2][2]   0.00232445 
_atom_sites.fract_transf_matrix[2][3]   -0.00079402 
_atom_sites.fract_transf_matrix[3][1]   -0.00796874 
_atom_sites.fract_transf_matrix[3][2]   0.06658575 
_atom_sites.fract_transf_matrix[3][3]   -0.02625151 
_atom_sites.fract_transf_vector[1]      0.912035 
_atom_sites.fract_transf_vector[2]      0.647430 
_atom_sites.fract_transf_vector[3]      0.620746 
# 
loop_
_atom_type.symbol 
C 
H 
N 
O 
# 
loop_
_atom_site.group_PDB 
_atom_site.id 
_atom_site.type_symbol 
_atom_site.label_atom_id 
_atom_site.label_alt_id 
_atom_site.label_comp_id 
_atom_site.label_asym_id 
_atom_site.label_entity_id 
_atom_site.label_seq_id 
_atom_site.pdbx_PDB_ins_code 
_atom_site.Cartn_x 
_atom_site.Cartn_y 
_atom_site.Cartn_z 
_atom_site.occupancy 
_atom_site.B_iso_or_equiv 
_atom_site.pdbx_formal_charge 
_atom_site.auth_seq_id 
_atom_site.auth_comp_id 
_atom_site.auth_asym_id 
_atom_site.auth_atom_id 
_atom_site.pdbx_PDB_model_num 
ATOM   1   N N    . GLY A 1 1  ? 2.317   4.838   -4.406  1.00 2.33  ? 1   GLY A N    1 
ATOM   2   C CA   . GLY A 1 1  ? 3.317   5.121   -5.427  1.00 2.32  ? 1   GLY A CA   1 
ATOM   3   C C    . GLY A 1 1  ? 4.689   5.187   -4.765  1.00 2.40  ? 1   GLY A C    1 
ATOM   4   O O    . GLY A 1 1  ? 4.897   5.910   -3.809  1.00 3.30  ? 1   GLY A O    1 
ATOM   5   H H1   . GLY A 1 1  ? 2.116   3.997   -4.245  1.00 2.79  ? 1   GLY A H1   1 
ATOM   6   H HA2  . GLY A 1 1  ? 3.308   4.410   -6.115  1.00 2.79  ? 1   GLY A HA2  1 
ATOM   7   H HA3  . GLY A 1 1  ? 3.113   5.984   -5.869  1.00 2.79  ? 1   GLY A HA3  1 
ATOM   8   N N    . GLY A 1 2  ? 5.633   4.383   -5.306  1.00 2.58  ? 2   GLY A N    1 
ATOM   9   C CA   . GLY A 1 2  ? 6.957   4.284   -4.745  1.00 2.63  ? 2   GLY A CA   1 
ATOM   10  C C    . GLY A 1 2  ? 7.338   2.839   -4.492  1.00 2.51  ? 2   GLY A C    1 
ATOM   11  O O    . GLY A 1 2  ? 6.566   1.918   -4.786  1.00 2.95  ? 2   GLY A O    1 
ATOM   12  H H    . GLY A 1 2  ? 5.434   3.909   -6.020  1.00 3.09  ? 2   GLY A H    1 
ATOM   13  H HA2  . GLY A 1 2  ? 7.609   4.691   -5.368  1.00 3.16  ? 2   GLY A HA2  1 
ATOM   14  H HA3  . GLY A 1 2  ? 6.991   4.787   -3.893  1.00 3.16  ? 2   GLY A HA3  1 
ATOM   15  N N    . PRO A 1 3  ? 8.542   2.623   -3.969  1.00 2.70  ? 3   PRO A N    1 
ATOM   16  C CA   . PRO A 1 3  ? 9.138   1.272   -3.914  1.00 3.23  ? 3   PRO A CA   1 
ATOM   17  C C    . PRO A 1 3  ? 8.645   0.328   -2.837  1.00 3.08  ? 3   PRO A C    1 
ATOM   18  O O    . PRO A 1 3  ? 9.073   -0.836  -2.832  1.00 5.50  ? 3   PRO A O    1 
ATOM   19  C CB   . PRO A 1 3  ? 10.620  1.583   -3.720  1.00 5.20  ? 3   PRO A CB   1 
ATOM   20  C CG   . PRO A 1 3  ? 10.631  2.881   -2.981  1.00 5.96  ? 3   PRO A CG   1 
ATOM   21  C CD   . PRO A 1 3  ? 9.496   3.667   -3.576  1.00 3.58  ? 3   PRO A CD   1 
ATOM   22  H HA   . PRO A 1 3  ? 9.018   0.833   -4.805  1.00 3.87  ? 3   PRO A HA   1 
ATOM   23  H HB2  . PRO A 1 3  ? 11.064  0.873   -3.192  1.00 6.24  ? 3   PRO A HB2  1 
ATOM   24  H HB3  . PRO A 1 3  ? 11.080  1.669   -4.592  1.00 6.24  ? 3   PRO A HB3  1 
ATOM   25  H HG2  . PRO A 1 3  ? 10.489  2.736   -2.012  1.00 7.16  ? 3   PRO A HG2  1 
ATOM   26  H HG3  . PRO A 1 3  ? 11.491  3.353   -3.111  1.00 7.16  ? 3   PRO A HG3  1 
ATOM   27  H HD2  . PRO A 1 3  ? 9.098   4.281   -2.910  1.00 4.29  ? 3   PRO A HD2  1 
ATOM   28  H HD3  . PRO A 1 3  ? 9.795   4.190   -4.362  1.00 4.29  ? 3   PRO A HD3  1 
ATOM   29  N N    . LEU A 1 4  ? 7.791   0.762   -1.920  1.00 2.51  ? 4   LEU A N    1 
ATOM   30  C CA   . LEU A 1 4  ? 7.351   -0.083  -0.804  1.00 2.62  ? 4   LEU A CA   1 
ATOM   31  C C    . LEU A 1 4  ? 5.818   -0.111  -0.785  1.00 2.36  ? 4   LEU A C    1 
ATOM   32  O O    . LEU A 1 4  ? 5.225   -0.607  -1.758  1.00 2.80  ? 4   LEU A O    1 
ATOM   33  C CB   . LEU A 1 4  ? 8.017   0.315   0.517   1.00 3.25  ? 4   LEU A CB   1 
ATOM   34  C CG   . LEU A 1 4  ? 9.515   0.096   0.573   1.00 4.40  ? 4   LEU A CG   1 
ATOM   35  C CD1  . LEU A 1 4  ? 10.044  0.637   1.898   1.00 6.09  ? 4   LEU A CD1  1 
ATOM   36  C CD2  . LEU A 1 4  ? 9.915   -1.372  0.340   1.00 6.34  ? 4   LEU A CD2  1 
ATOM   37  H H    . LEU A 1 4  ? 7.479   1.582   -1.983  1.00 3.01  ? 4   LEU A H    1 
ATOM   38  H HA   . LEU A 1 4  ? 7.653   -1.013  -1.010  1.00 3.14  ? 4   LEU A HA   1 
ATOM   39  H HB2  . LEU A 1 4  ? 7.834   1.272   0.685   1.00 3.90  ? 4   LEU A HB2  1 
ATOM   40  H HB3  . LEU A 1 4  ? 7.597   -0.203  1.248   1.00 3.90  ? 4   LEU A HB3  1 
ATOM   41  H HG   . LEU A 1 4  ? 9.926   0.640   -0.159  1.00 5.28  ? 4   LEU A HG   1 
ATOM   42  H HD11 . LEU A 1 4  ? 9.666   0.115   2.637   1.00 9.14  ? 4   LEU A HD11 1 
ATOM   43  H HD12 . LEU A 1 4  ? 9.783   1.576   1.994   1.00 9.14  ? 4   LEU A HD12 1 
ATOM   44  H HD13 . LEU A 1 4  ? 11.021  0.565   1.913   1.00 9.14  ? 4   LEU A HD13 1 
ATOM   45  H HD21 . LEU A 1 4  ? 9.668   -1.906  1.123   1.00 9.51  ? 4   LEU A HD21 1 
ATOM   46  H HD22 . LEU A 1 4  ? 10.882  -1.429  0.196   1.00 9.51  ? 4   LEU A HD22 1 
ATOM   47  H HD23 . LEU A 1 4  ? 9.447   -1.717  -0.449  1.00 9.51  ? 4   LEU A HD23 1 
ATOM   48  N N    . ALA A 1 5  ? 5.196   0.363   0.293   1.00 2.40  ? 5   ALA A N    1 
ATOM   49  C CA   . ALA A 1 5  ? 3.748   0.273   0.510   1.00 2.38  ? 5   ALA A CA   1 
ATOM   50  C C    . ALA A 1 5  ? 3.257   1.620   1.070   1.00 2.30  ? 5   ALA A C    1 
ATOM   51  O O    . ALA A 1 5  ? 4.029   2.522   1.392   1.00 2.90  ? 5   ALA A O    1 
ATOM   52  C CB   . ALA A 1 5  ? 3.436   -0.868  1.466   1.00 2.73  ? 5   ALA A CB   1 
ATOM   53  H H    . ALA A 1 5  ? 5.683   0.755   0.912   1.00 2.88  ? 5   ALA A H    1 
ATOM   54  H HA   . ALA A 1 5  ? 3.297   0.097   -0.365  1.00 2.86  ? 5   ALA A HA   1 
ATOM   55  H HB1  . ALA A 1 5  ? 3.781   -1.708  1.098   1.00 4.09  ? 5   ALA A HB1  1 
ATOM   56  H HB2  . ALA A 1 5  ? 2.466   -0.939  1.585   1.00 4.09  ? 5   ALA A HB2  1 
ATOM   57  H HB3  . ALA A 1 5  ? 3.859   -0.693  2.332   1.00 4.09  ? 5   ALA A HB3  1 
ATOM   58  N N    . GLY A 1 6  ? 1.939   1.733   1.155   1.00 2.44  ? 6   GLY A N    1 
ATOM   59  C CA   . GLY A 1 6  ? 1.271   2.934   1.615   1.00 2.57  ? 6   GLY A CA   1 
ATOM   60  C C    . GLY A 1 6  ? 0.168   3.428   0.714   1.00 2.34  ? 6   GLY A C    1 
ATOM   61  O O    . GLY A 1 6  ? -0.785  4.059   1.178   1.00 3.18  ? 6   GLY A O    1 
ATOM   62  H H    . GLY A 1 6  ? 1.445   1.043   0.920   1.00 2.93  ? 6   GLY A H    1 
ATOM   63  H HA2  . GLY A 1 6  ? 0.890   2.759   2.512   1.00 3.09  ? 6   GLY A HA2  1 
ATOM   64  H HA3  . GLY A 1 6  ? 1.944   3.653   1.712   1.00 3.09  ? 6   GLY A HA3  1 
ATOM   65  N N    . GLU A 1 7  ? 0.290   3.128   -0.590  1.00 2.20  ? 7   GLU A N    1 
ATOM   66  C CA   . GLU A 1 7  ? -0.687  3.451   -1.609  1.00 2.20  ? 7   GLU A CA   1 
ATOM   67  C C    . GLU A 1 7  ? -1.368  2.161   -2.092  1.00 2.25  ? 7   GLU A C    1 
ATOM   68  O O    . GLU A 1 7  ? -0.945  1.048   -1.759  1.00 2.78  ? 7   GLU A O    1 
ATOM   69  C CB   . GLU A 1 7  ? -0.007  4.071   -2.843  1.00 2.15  ? 7   GLU A CB   1 
ATOM   70  C CG   . GLU A 1 7  ? 0.841   5.303   -2.533  1.00 2.19  ? 7   GLU A CG   1 
ATOM   71  C CD   . GLU A 1 7  ? 1.687   5.785   -3.700  1.00 2.05  ? 7   GLU A CD   1 
ATOM   72  O OE1  . GLU A 1 7  ? 1.784   6.994   -3.968  1.00 2.40  ? 7   GLU A OE1  1 
ATOM   73  H H    . GLU A 1 7  ? 1.018   2.704   -0.844  1.00 2.64  ? 7   GLU A H    1 
ATOM   74  H HA   . GLU A 1 7  ? -1.370  4.082   -1.241  1.00 2.64  ? 7   GLU A HA   1 
ATOM   75  H HB2  . GLU A 1 7  ? 0.570   3.386   -3.266  1.00 2.58  ? 7   GLU A HB2  1 
ATOM   76  H HB3  . GLU A 1 7  ? -0.705  4.322   -3.499  1.00 2.58  ? 7   GLU A HB3  1 
ATOM   77  H HG2  . GLU A 1 7  ? 0.242   6.038   -2.250  1.00 2.63  ? 7   GLU A HG2  1 
ATOM   78  H HG3  . GLU A 1 7  ? 1.439   5.095   -1.773  1.00 2.63  ? 7   GLU A HG3  1 
ATOM   79  N N    . GLU A 1 8  ? -2.361  2.259   -2.964  1.00 2.32  ? 8   GLU A N    1 
ATOM   80  C CA   . GLU A 1 8  ? -2.873  1.024   -3.556  1.00 2.53  ? 8   GLU A CA   1 
ATOM   81  C C    . GLU A 1 8  ? -1.753  0.279   -4.326  1.00 2.52  ? 8   GLU A C    1 
ATOM   82  O O    . GLU A 1 8  ? -1.708  -0.962  -4.306  1.00 3.36  ? 8   GLU A O    1 
ATOM   83  C CB   . GLU A 1 8  ? -4.047  1.356   -4.450  1.00 3.35  ? 8   GLU A CB   1 
ATOM   84  C CG   . GLU A 1 8  ? -4.667  0.083   -5.061  1.00 4.18  ? 8   GLU A CG   1 
ATOM   85  C CD   . GLU A 1 8  ? -5.062  0.305   -6.466  1.00 3.73  ? 8   GLU A CD   1 
ATOM   86  O OE1  . GLU A 1 8  ? -5.204  1.392   -6.990  1.00 6.48  ? 8   GLU A OE1  1 
ATOM   87  O OE2  . GLU A 1 8  ? -5.238  -0.801  -7.114  1.00 5.18  ? 8   GLU A OE2  1 
ATOM   88  H H    . GLU A 1 8  ? -2.700  3.042   -3.180  1.00 2.79  ? 8   GLU A H    1 
ATOM   89  H HA   . GLU A 1 8  ? -3.195  0.431   -2.818  1.00 3.03  ? 8   GLU A HA   1 
ATOM   90  H HB2  . GLU A 1 8  ? -4.735  1.835   -3.923  1.00 4.02  ? 8   GLU A HB2  1 
ATOM   91  H HB3  . GLU A 1 8  ? -3.746  1.956   -5.177  1.00 4.02  ? 8   GLU A HB3  1 
ATOM   92  H HG2  . GLU A 1 8  ? -4.010  -0.657  -5.018  1.00 5.02  ? 8   GLU A HG2  1 
ATOM   93  H HG3  . GLU A 1 8  ? -5.462  -0.182  -4.534  1.00 5.02  ? 8   GLU A HG3  1 
ATOM   94  H HE2  . GLU A 1 8  ? -5.468  -0.629  -7.904  1.00 7.76  ? 8   GLU A HE2  1 
ATOM   95  N N    . ILE A 1 9  ? -0.932  1.024   -5.043  1.00 2.30  ? 9   ILE A N    1 
ATOM   96  C CA   . ILE A 1 9  ? 0.194   0.477   -5.790  1.00 2.32  ? 9   ILE A CA   1 
ATOM   97  C C    . ILE A 1 9  ? 1.469   1.111   -5.218  1.00 2.30  ? 9   ILE A C    1 
ATOM   98  O O    . ILE A 1 9  ? 1.713   2.300   -5.420  1.00 2.82  ? 9   ILE A O    1 
ATOM   99  C CB   . ILE A 1 9  ? 0.084   0.774   -7.298  1.00 3.11  ? 9   ILE A CB   1 
ATOM   100 C CG1  . ILE A 1 9  ? -1.249  0.310   -7.901  1.00 3.83  ? 9   ILE A CG1  1 
ATOM   101 C CG2  . ILE A 1 9  ? 1.297   0.195   -8.037  1.00 3.59  ? 9   ILE A CG2  1 
ATOM   102 C CD1  . ILE A 1 9  ? -1.531  -1.160  -7.877  1.00 4.69  ? 9   ILE A CD1  1 
ATOM   103 H H    . ILE A 1 9  ? -1.071  1.893   -5.072  1.00 2.76  ? 9   ILE A H    1 
ATOM   104 H HA   . ILE A 1 9  ? 0.230   -0.513  -5.652  1.00 2.79  ? 9   ILE A HA   1 
ATOM   105 H HB   . ILE A 1 9  ? 0.122   1.767   -7.405  1.00 3.73  ? 9   ILE A HB   1 
ATOM   106 H HG12 . ILE A 1 9  ? -1.981  0.770   -7.419  1.00 4.60  ? 9   ILE A HG12 1 
ATOM   107 H HG13 . ILE A 1 9  ? -1.281  0.612   -8.843  1.00 4.60  ? 9   ILE A HG13 1 
ATOM   108 H HG21 . ILE A 1 9  ? 1.374   -0.762  -7.841  1.00 5.38  ? 9   ILE A HG21 1 
ATOM   109 H HG22 . ILE A 1 9  ? 2.110   0.655   -7.741  1.00 5.38  ? 9   ILE A HG22 1 
ATOM   110 H HG23 . ILE A 1 9  ? 1.183   0.322   -9.003  1.00 5.38  ? 9   ILE A HG23 1 
ATOM   111 H HD11 . ILE A 1 9  ? -0.816  -1.638  -8.346  1.00 7.03  ? 9   ILE A HD11 1 
ATOM   112 H HD12 . ILE A 1 9  ? -2.387  -1.336  -8.321  1.00 7.03  ? 9   ILE A HD12 1 
ATOM   113 H HD13 . ILE A 1 9  ? -1.576  -1.469  -6.948  1.00 7.03  ? 9   ILE A HD13 1 
ATOM   114 N N    . GLY A 1 10 ? 2.265   0.326   -4.494  1.00 2.34  ? 10  GLY A N    1 
ATOM   115 C CA   . GLY A 1 10 ? 3.501   0.842   -3.956  1.00 2.61  ? 10  GLY A CA   1 
ATOM   116 C C    . GLY A 1 10 ? 3.317   1.847   -2.820  1.00 2.15  ? 10  GLY A C    1 
ATOM   117 O O    . GLY A 1 10 ? 2.304   1.872   -2.138  1.00 2.87  ? 10  GLY A O    1 
ATOM   118 H H    . GLY A 1 10 ? 2.037   -0.511  -4.342  1.00 2.80  ? 10  GLY A H    1 
ATOM   119 H HA2  . GLY A 1 10 ? 4.045   0.085   -3.624  1.00 3.14  ? 10  GLY A HA2  1 
ATOM   120 H HA3  . GLY A 1 10 ? 4.007   1.278   -4.686  1.00 3.14  ? 10  GLY A HA3  1 
ATOM   121 N N    . GLY A 1 11 ? 4.354   2.664   -2.627  1.00 2.28  ? 11  GLY A N    1 
ATOM   122 C CA   . GLY A 1 11 ? 4.402   3.679   -1.591  1.00 2.49  ? 11  GLY A CA   1 
ATOM   123 C C    . GLY A 1 11 ? 5.806   3.814   -1.034  1.00 2.20  ? 11  GLY A C    1 
ATOM   124 O O    . GLY A 1 11 ? 6.780   3.323   -1.615  1.00 2.63  ? 11  GLY A O    1 
ATOM   125 H H    . GLY A 1 11 ? 5.051   2.583   -3.160  1.00 2.73  ? 11  GLY A H    1 
ATOM   126 H HA2  . GLY A 1 11 ? 4.110   4.547   -1.966  1.00 2.99  ? 11  GLY A HA2  1 
ATOM   127 H HA3  . GLY A 1 11 ? 3.779   3.435   -0.861  1.00 2.99  ? 11  GLY A HA3  1 
ATOM   128 N N    . PHE A 1 12 ? 5.922   4.533   0.094   1.00 2.20  ? 12  PHE A N    1 
ATOM   129 C CA   . PHE A 1 12 ? 7.218   4.814   0.711   1.00 2.47  ? 12  PHE A CA   1 
ATOM   130 C C    . PHE A 1 12 ? 7.338   4.280   2.145   1.00 2.60  ? 12  PHE A C    1 
ATOM   131 O O    . PHE A 1 12 ? 8.261   4.689   2.854   1.00 4.13  ? 12  PHE A O    1 
ATOM   132 C CB   . PHE A 1 12 ? 7.552   6.314   0.645   1.00 3.23  ? 12  PHE A CB   1 
ATOM   133 C CG   . PHE A 1 12 ? 8.032   6.738   -0.731  1.00 2.75  ? 12  PHE A CG   1 
ATOM   134 C CD1  . PHE A 1 12 ? 7.137   7.081   -1.741  1.00 3.28  ? 12  PHE A CD1  1 
ATOM   135 C CD2  . PHE A 1 12 ? 9.388   6.739   -1.015  1.00 3.64  ? 12  PHE A CD2  1 
ATOM   136 C CE1  . PHE A 1 12 ? 7.603   7.444   -2.997  1.00 3.85  ? 12  PHE A CE1  1 
ATOM   137 C CE2  . PHE A 1 12 ? 9.854   7.096   -2.296  1.00 4.37  ? 12  PHE A CE2  1 
ATOM   138 C CZ   . PHE A 1 12 ? 8.955   7.451   -3.267  1.00 4.41  ? 12  PHE A CZ   1 
ATOM   139 H H    . PHE A 1 12 ? 5.194   4.846   0.475   1.00 2.64  ? 12  PHE A H    1 
ATOM   140 H HA   . PHE A 1 12 ? 7.907   4.339   0.165   1.00 2.96  ? 12  PHE A HA   1 
ATOM   141 H HB2  . PHE A 1 12 ? 6.747   6.838   0.882   1.00 3.87  ? 12  PHE A HB2  1 
ATOM   142 H HB3  . PHE A 1 12 ? 8.256   6.519   1.311   1.00 3.87  ? 12  PHE A HB3  1 
ATOM   143 H HD1  . PHE A 1 12 ? 6.203   7.067   -1.570  1.00 3.94  ? 12  PHE A HD1  1 
ATOM   144 H HD2  . PHE A 1 12 ? 10.009  6.497   -0.339  1.00 4.37  ? 12  PHE A HD2  1 
ATOM   145 H HE1  . PHE A 1 12 ? 6.985   7.688   -3.676  1.00 4.61  ? 12  PHE A HE1  1 
ATOM   146 H HE2  . PHE A 1 12 ? 10.785  7.089   -2.485  1.00 5.25  ? 12  PHE A HE2  1 
ATOM   147 H HZ   . PHE A 1 12 ? 9.264   7.703   -4.130  1.00 5.29  ? 12  PHE A HZ   1 
ATOM   148 N N    . ASN A 1 13 ? 6.435   3.378   2.537   1.00 2.28  ? 13  ASN A N    1 
ATOM   149 C CA   . ASN A 1 13 ? 6.372   2.884   3.903   1.00 2.38  ? 13  ASN A CA   1 
ATOM   150 C C    . ASN A 1 13 ? 6.422   1.361   3.935   1.00 2.57  ? 13  ASN A C    1 
ATOM   151 O O    . ASN A 1 13 ? 5.938   0.666   3.035   1.00 3.10  ? 13  ASN A O    1 
ATOM   152 C CB   . ASN A 1 13 ? 5.053   3.345   4.584   1.00 2.96  ? 13  ASN A CB   1 
ATOM   153 C CG   . ASN A 1 13 ? 5.113   4.812   4.910   1.00 2.95  ? 13  ASN A CG   1 
ATOM   154 O OD1  . ASN A 1 13 ? 4.778   5.660   4.069   1.00 3.98  ? 13  ASN A OD1  1 
ATOM   155 N ND2  . ASN A 1 13 ? 5.575   5.137   6.101   1.00 3.85  ? 13  ASN A ND2  1 
ATOM   156 H H    . ASN A 1 13 ? 5.857   3.072   1.948   1.00 2.74  ? 13  ASN A H    1 
ATOM   157 H HA   . ASN A 1 13 ? 7.150   3.245   4.417   1.00 2.85  ? 13  ASN A HA   1 
ATOM   158 H HB2  . ASN A 1 13 ? 4.289   3.171   3.979   1.00 3.56  ? 13  ASN A HB2  1 
ATOM   159 H HB3  . ASN A 1 13 ? 4.911   2.826   5.415   1.00 3.56  ? 13  ASN A HB3  1 
ATOM   160 H HD21 . ASN A 1 13 ? 5.656   5.984   6.326   1.00 4.62  ? 13  ASN A HD21 1 
ATOM   161 H HD22 . ASN A 1 13 ? 5.803   4.507   6.671   1.00 4.62  ? 13  ASN A HD22 1 
ATOM   162 N N    . VAL A 1 14 ? 6.949   0.809   5.035   1.00 2.87  ? 14  VAL A N    1 
ATOM   163 C CA   . VAL A 1 14 ? 6.907   -0.638  5.193   1.00 2.85  ? 14  VAL A CA   1 
ATOM   164 C C    . VAL A 1 14 ? 5.475   -1.109  5.424   1.00 2.71  ? 14  VAL A C    1 
ATOM   165 O O    . VAL A 1 14 ? 4.655   -0.422  6.050   1.00 3.28  ? 14  VAL A O    1 
ATOM   166 C CB   . VAL A 1 14 ? 7.809   -1.106  6.342   1.00 3.90  ? 14  VAL A CB   1 
ATOM   167 C CG1  . VAL A 1 14 ? 9.266   -0.839  5.989   1.00 5.94  ? 14  VAL A CG1  1 
ATOM   168 C CG2  . VAL A 1 14 ? 7.423   -0.539  7.683   1.00 5.33  ? 14  VAL A CG2  1 
ATOM   169 H H    . VAL A 1 14 ? 7.315   1.313   5.655   1.00 3.44  ? 14  VAL A H    1 
ATOM   170 H HA   . VAL A 1 14 ? 7.239   -1.054  4.346   1.00 3.41  ? 14  VAL A HA   1 
ATOM   171 H HB   . VAL A 1 14 ? 7.704   -2.098  6.406   1.00 4.68  ? 14  VAL A HB   1 
ATOM   172 H HG11 . VAL A 1 14 ? 9.842   -1.157  6.716   1.00 8.90  ? 14  VAL A HG11 1 
ATOM   173 H HG12 . VAL A 1 14 ? 9.400   0.124   5.862   1.00 8.90  ? 14  VAL A HG12 1 
ATOM   174 H HG13 . VAL A 1 14 ? 9.493   -1.312  5.161   1.00 8.90  ? 14  VAL A HG13 1 
ATOM   175 H HG21 . VAL A 1 14 ? 6.497   -0.787  7.889   1.00 7.99  ? 14  VAL A HG21 1 
ATOM   176 H HG22 . VAL A 1 14 ? 7.501   0.437   7.661   1.00 7.99  ? 14  VAL A HG22 1 
ATOM   177 H HG23 . VAL A 1 14 ? 8.018   -0.899  8.374   1.00 7.99  ? 14  VAL A HG23 1 
ATOM   178 N N    . PRO A 1 15 ? 5.160   -2.346  5.011   1.00 2.56  ? 15  PRO A N    1 
ATOM   179 C CA   . PRO A 1 15 ? 3.799   -2.930  5.244   1.00 2.79  ? 15  PRO A CA   1 
ATOM   180 C C    . PRO A 1 15 ? 3.706   -3.514  6.663   1.00 2.88  ? 15  PRO A C    1 
ATOM   181 O O    . PRO A 1 15 ? 3.601   -4.716  6.879   1.00 3.77  ? 15  PRO A O    1 
ATOM   182 C CB   . PRO A 1 15 ? 3.693   -3.985  4.163   1.00 3.23  ? 15  PRO A CB   1 
ATOM   183 C CG   . PRO A 1 15 ? 5.118   -4.460  3.978   1.00 3.25  ? 15  PRO A CG   1 
ATOM   184 C CD   . PRO A 1 15 ? 5.956   -3.184  4.087   1.00 3.17  ? 15  PRO A CD   1 
ATOM   185 H HA   . PRO A 1 15 ? 3.096   -2.230  5.113   1.00 3.34  ? 15  PRO A HA   1 
ATOM   186 H HB2  . PRO A 1 15 ? 3.106   -4.729  4.449   1.00 3.88  ? 15  PRO A HB2  1 
ATOM   187 H HB3  . PRO A 1 15 ? 3.337   -3.598  3.324   1.00 3.88  ? 15  PRO A HB3  1 
ATOM   188 H HG2  . PRO A 1 15 ? 5.369   -5.109  4.682   1.00 3.90  ? 15  PRO A HG2  1 
ATOM   189 H HG3  . PRO A 1 15 ? 5.238   -4.886  3.092   1.00 3.90  ? 15  PRO A HG3  1 
ATOM   190 H HD2  . PRO A 1 15 ? 6.853   -3.376  4.461   1.00 3.81  ? 15  PRO A HD2  1 
ATOM   191 H HD3  . PRO A 1 15 ? 6.060   -2.747  3.206   1.00 3.81  ? 15  PRO A HD3  1 
ATOM   192 N N    . GLY A 1 16 ? 3.737   -2.605  7.638   1.00 3.00  ? 16  GLY A N    1 
ATOM   193 C CA   . GLY A 1 16 ? 3.723   -2.937  9.062   1.00 3.25  ? 16  GLY A CA   1 
ATOM   194 C C    . GLY A 1 16 ? 2.354   -2.782  9.685   1.00 2.79  ? 16  GLY A C    1 
ATOM   195 O O    . GLY A 1 16 ? 2.158   -2.165  10.709  1.00 3.64  ? 16  GLY A O    1 
ATOM   196 O OXT  . GLY A 1 16 ? 1.408   -3.395  8.992   1.00 3.45  ? 16  GLY A OXT  1 
ATOM   197 H H    . GLY A 1 16 ? 3.768   -1.755  7.411   1.00 3.60  ? 16  GLY A H    1 
ATOM   198 H HA2  . GLY A 1 16 ? 4.028   -3.871  9.179   1.00 3.90  ? 16  GLY A HA2  1 
ATOM   199 H HA3  . GLY A 1 16 ? 4.362   -2.348  9.537   1.00 3.90  ? 16  GLY A HA3  1 
ATOM   200 H HXT  . GLY A 1 16 ? 0.668   -3.286  9.373   1.00 5.18  ? 16  GLY A HXT  1 
ATOM   201 N N    . GLY B 1 1  ? -2.546  -6.793  -0.117  1.00 2.27  ? 1   GLY B N    1 
ATOM   202 C CA   . GLY B 1 1  ? -3.579  -7.660  -0.658  1.00 2.48  ? 1   GLY B CA   1 
ATOM   203 C C    . GLY B 1 1  ? -4.944  -7.171  -0.191  1.00 2.48  ? 1   GLY B C    1 
ATOM   204 O O    . GLY B 1 1  ? -5.184  -6.981  0.989   1.00 3.24  ? 1   GLY B O    1 
ATOM   205 H H1   . GLY B 1 1  ? -2.325  -6.069  -0.567  1.00 2.73  ? 1   GLY B H1   1 
ATOM   206 H HA2  . GLY B 1 1  ? -3.540  -7.651  -1.646  1.00 2.98  ? 1   GLY B HA2  1 
ATOM   207 H HA3  . GLY B 1 1  ? -3.432  -8.588  -0.349  1.00 2.98  ? 1   GLY B HA3  1 
ATOM   208 N N    . GLY B 1 2  ? -5.841  -6.960  -1.174  1.00 2.63  ? 2   GLY B N    1 
ATOM   209 C CA   . GLY B 1 2  ? -7.134  -6.356  -0.929  1.00 2.69  ? 2   GLY B CA   1 
ATOM   210 C C    . GLY B 1 2  ? -7.311  -5.165  -1.854  1.00 2.52  ? 2   GLY B C    1 
ATOM   211 O O    . GLY B 1 2  ? -6.399  -4.784  -2.598  1.00 2.77  ? 2   GLY B O    1 
ATOM   212 H H    . GLY B 1 2  ? -5.632  -7.196  -1.996  1.00 3.16  ? 2   GLY B H    1 
ATOM   213 H HA2  . GLY B 1 2  ? -7.851  -7.019  -1.094  1.00 3.23  ? 2   GLY B HA2  1 
ATOM   214 H HA3  . GLY B 1 2  ? -7.195  -6.062  0.014   1.00 3.23  ? 2   GLY B HA3  1 
ATOM   215 N N    . PRO B 1 3  ? -8.483  -4.528  -1.812  1.00 2.73  ? 3   PRO B N    1 
ATOM   216 C CA   . PRO B 1 3  ? -8.806  -3.514  -2.845  1.00 3.08  ? 3   PRO B CA   1 
ATOM   217 C C    . PRO B 1 3  ? -8.089  -2.182  -2.710  1.00 3.25  ? 3   PRO B C    1 
ATOM   218 O O    . PRO B 1 3  ? -8.081  -1.406  -3.697  1.00 4.75  ? 3   PRO B O    1 
ATOM   219 C CB   . PRO B 1 3  ? -10.331 -3.316  -2.668  1.00 4.29  ? 3   PRO B CB   1 
ATOM   220 C CG   A PRO B 1 3  ? -10.572 -3.717  -1.280  0.50 3.42  ? 3   PRO B CG   1 
ATOM   221 C CG   B PRO B 1 3  ? -10.822 -4.505  -1.872  0.50 5.64  ? 3   PRO B CG   1 
ATOM   222 C CD   . PRO B 1 3  ? -9.639  -4.894  -0.963  1.00 3.56  ? 3   PRO B CD   1 
ATOM   223 H HA   . PRO B 1 3  ? -8.625  -3.897  -3.750  1.00 3.70  ? 3   PRO B HA   1 
ATOM   224 H HB2  A PRO B 1 3  ? -10.586 -2.370  -2.813  0.50 5.15  ? 3   PRO B HB2  1 
ATOM   225 H HB2  B PRO B 1 3  ? -10.517 -2.473  -2.182  0.50 5.15  ? 3   PRO B HB2  1 
ATOM   226 H HB3  A PRO B 1 3  ? -10.840 -3.887  -3.296  0.50 5.15  ? 3   PRO B HB3  1 
ATOM   227 H HB3  B PRO B 1 3  ? -10.780 -3.279  -3.549  0.50 5.15  ? 3   PRO B HB3  1 
ATOM   228 H HG2  A PRO B 1 3  ? -10.386 -2.961  -0.668  0.50 4.10  ? 3   PRO B HG2  1 
ATOM   229 H HG2  B PRO B 1 3  ? -11.615 -4.261  -1.331  0.50 6.76  ? 3   PRO B HG2  1 
ATOM   230 H HG3  A PRO B 1 3  ? -11.517 -3.989  -1.162  0.50 4.10  ? 3   PRO B HG3  1 
ATOM   231 H HG3  B PRO B 1 3  ? -11.062 -5.253  -2.473  0.50 6.76  ? 3   PRO B HG3  1 
ATOM   232 H HD2  A PRO B 1 3  ? -9.396  -4.925  -0.003  0.50 4.27  ? 3   PRO B HD2  1 
ATOM   233 H HD2  B PRO B 1 3  ? -9.646  -4.379  -0.118  0.50 4.27  ? 3   PRO B HD2  1 
ATOM   234 H HD3  A PRO B 1 3  ? -10.034 -5.761  -1.233  0.50 4.27  ? 3   PRO B HD3  1 
ATOM   235 H HD3  B PRO B 1 3  ? -9.644  -5.862  -0.756  0.50 4.27  ? 3   PRO B HD3  1 
ATOM   236 N N    . LEU B 1 4  ? -7.610  -1.867  -1.519  1.00 2.64  ? 4   LEU B N    1 
ATOM   237 C CA   . LEU B 1 4  ? -7.142  -0.543  -1.148  1.00 2.75  ? 4   LEU B CA   1 
ATOM   238 C C    . LEU B 1 4  ? -5.614  -0.564  -0.940  1.00 2.41  ? 4   LEU B C    1 
ATOM   239 O O    . LEU B 1 4  ? -4.889  -0.903  -1.871  1.00 2.90  ? 4   LEU B O    1 
ATOM   240 C CB   . LEU B 1 4  ? -7.949  -0.006  0.038   1.00 2.97  ? 4   LEU B CB   1 
ATOM   241 C CG   . LEU B 1 4  ? -9.448  0.118   -0.173  1.00 4.97  ? 4   LEU B CG   1 
ATOM   242 C CD1  . LEU B 1 4  ? -10.095 0.551   1.140   1.00 5.88  ? 4   LEU B CD1  1 
ATOM   243 C CD2  . LEU B 1 4  ? -9.800  1.076   -1.289  1.00 8.50  ? 4   LEU B CD2  1 
ATOM   244 H H    . LEU B 1 4  ? -7.571  -2.502  -0.911  1.00 3.17  ? 4   LEU B H    1 
ATOM   245 H HA   . LEU B 1 4  ? -7.323  0.060   -1.924  1.00 3.30  ? 4   LEU B HA   1 
ATOM   246 H HB2  . LEU B 1 4  ? -7.794  -0.599  0.814   1.00 3.56  ? 4   LEU B HB2  1 
ATOM   247 H HB3  . LEU B 1 4  ? -7.595  0.888   0.275   1.00 3.56  ? 4   LEU B HB3  1 
ATOM   248 H HG   . LEU B 1 4  ? -9.805  -0.784  -0.413  1.00 5.97  ? 4   LEU B HG   1 
ATOM   249 H HD11 . LEU B 1 4  ? -11.068 0.584   1.029   1.00 8.82  ? 4   LEU B HD11 1 
ATOM   250 H HD12 . LEU B 1 4  ? -9.765  1.440   1.389   1.00 8.82  ? 4   LEU B HD12 1 
ATOM   251 H HD13 . LEU B 1 4  ? -9.868  -0.091  1.844   1.00 8.82  ? 4   LEU B HD13 1 
ATOM   252 H HD21 . LEU B 1 4  ? -9.463  0.725   -2.140  1.00 12.75 ? 4   LEU B HD21 1 
ATOM   253 H HD22 . LEU B 1 4  ? -9.390  1.949   -1.111  1.00 12.75 ? 4   LEU B HD22 1 
ATOM   254 H HD23 . LEU B 1 4  ? -10.773 1.177   -1.339  1.00 12.75 ? 4   LEU B HD23 1 
ATOM   255 N N    . ALA B 1 5  ? -5.146  -0.206  0.259   1.00 2.58  ? 5   ALA B N    1 
ATOM   256 C CA   . ALA B 1 5  ? -3.721  -0.014  0.519   1.00 2.35  ? 5   ALA B CA   1 
ATOM   257 C C    . ALA B 1 5  ? -3.317  -0.694  1.827   1.00 2.10  ? 5   ALA B C    1 
ATOM   258 O O    . ALA B 1 5  ? -4.143  -1.035  2.687   1.00 2.79  ? 5   ALA B O    1 
ATOM   259 C CB   . ALA B 1 5  ? -3.386  1.476   0.591   1.00 3.00  ? 5   ALA B CB   1 
ATOM   260 H H    . ALA B 1 5  ? -5.717  -0.081  0.916   1.00 3.09  ? 5   ALA B H    1 
ATOM   261 H HA   . ALA B 1 5  ? -3.201  -0.425  -0.230  1.00 2.82  ? 5   ALA B HA   1 
ATOM   262 H HB1  . ALA B 1 5  ? -3.935  1.902   1.282   1.00 4.50  ? 5   ALA B HB1  1 
ATOM   263 H HB2  . ALA B 1 5  ? -3.568  1.894   -0.276  1.00 4.50  ? 5   ALA B HB2  1 
ATOM   264 H HB3  . ALA B 1 5  ? -2.438  1.587   0.814   1.00 4.50  ? 5   ALA B HB3  1 
ATOM   265 N N    . GLY B 1 6  ? -2.003  -0.850  1.970   1.00 2.38  ? 6   GLY B N    1 
ATOM   266 C CA   . GLY B 1 6  ? -1.375  -1.447  3.128   1.00 2.44  ? 6   GLY B CA   1 
ATOM   267 C C    . GLY B 1 6  ? -0.215  -2.350  2.725   1.00 2.14  ? 6   GLY B C    1 
ATOM   268 O O    . GLY B 1 6  ? 0.810   -2.390  3.416   1.00 2.58  ? 6   GLY B O    1 
ATOM   269 H H    . GLY B 1 6  ? -1.482  -0.573  1.317   1.00 2.86  ? 6   GLY B H    1 
ATOM   270 H HA2  . GLY B 1 6  ? -1.043  -0.731  3.726   1.00 2.92  ? 6   GLY B HA2  1 
ATOM   271 H HA3  . GLY B 1 6  ? -2.045  -1.976  3.628   1.00 2.92  ? 6   GLY B HA3  1 
ATOM   272 N N    . GLU B 1 7  ? -0.390  -3.076  1.625   1.00 2.18  ? 7   GLU B N    1 
ATOM   273 C CA   . GLU B 1 7  ? 0.605   -4.011  1.117   1.00 2.10  ? 7   GLU B CA   1 
ATOM   274 C C    . GLU B 1 7  ? 1.330   -3.358  -0.062  1.00 2.05  ? 7   GLU B C    1 
ATOM   275 O O    . GLU B 1 7  ? 0.921   -2.341  -0.607  1.00 2.61  ? 7   GLU B O    1 
ATOM   276 C CB   . GLU B 1 7  ? -0.095  -5.283  0.575   1.00 2.24  ? 7   GLU B CB   1 
ATOM   277 C CG   . GLU B 1 7  ? -1.016  -5.956  1.579   1.00 2.34  ? 7   GLU B CG   1 
ATOM   278 C CD   . GLU B 1 7  ? -1.914  -7.050  1.036   1.00 2.19  ? 7   GLU B CD   1 
ATOM   279 O OE2  . GLU B 1 7  ? -2.089  -8.094  1.660   1.00 2.62  ? 7   GLU B OE2  1 
ATOM   280 H H    . GLU B 1 7  ? -1.145  -2.988  1.182   1.00 2.61  ? 7   GLU B H    1 
ATOM   281 H HA   . GLU B 1 7  ? 1.256   -4.251  1.837   1.00 2.52  ? 7   GLU B HA   1 
ATOM   282 H HB2  . GLU B 1 7  ? -0.622  -5.040  -0.227  1.00 2.69  ? 7   GLU B HB2  1 
ATOM   283 H HB3  . GLU B 1 7  ? 0.598   -5.932  0.294   1.00 2.69  ? 7   GLU B HB3  1 
ATOM   284 H HG2  . GLU B 1 7  ? -0.458  -6.341  2.300   1.00 2.81  ? 7   GLU B HG2  1 
ATOM   285 H HG3  . GLU B 1 7  ? -1.588  -5.259  1.988   1.00 2.81  ? 7   GLU B HG3  1 
ATOM   286 N N    . GLU B 1 8  ? 2.383   -4.023  -0.576  1.00 2.13  ? 8   GLU B N    1 
ATOM   287 C CA   . GLU B 1 8  ? 3.020   -3.471  -1.763  1.00 2.22  ? 8   GLU B CA   1 
ATOM   288 C C    . GLU B 1 8  ? 2.051   -3.397  -2.944  1.00 2.06  ? 8   GLU B C    1 
ATOM   289 O O    . GLU B 1 8  ? 2.205   -2.525  -3.812  1.00 2.39  ? 8   GLU B O    1 
ATOM   290 C CB   . GLU B 1 8  ? 4.282   -4.252  -2.084  1.00 2.60  ? 8   GLU B CB   1 
ATOM   291 C CG   . GLU B 1 8  ? 5.368   -3.999  -1.012  1.00 3.17  ? 8   GLU B CG   1 
ATOM   292 C CD   . GLU B 1 8  ? 6.667   -4.651  -1.355  1.00 3.92  ? 8   GLU B CD   1 
ATOM   293 O OE1  . GLU B 1 8  ? 6.745   -5.655  -2.020  1.00 5.07  ? 8   GLU B OE1  1 
ATOM   294 O OE2  . GLU B 1 8  ? 7.701   -4.072  -0.805  1.00 6.61  ? 8   GLU B OE2  1 
ATOM   295 H H    . GLU B 1 8  ? 2.676   -4.766  -0.207  1.00 2.55  ? 8   GLU B H    1 
ATOM   296 H HA   . GLU B 1 8  ? 3.296   -2.535  -1.544  1.00 2.67  ? 8   GLU B HA   1 
ATOM   297 H HB2  . GLU B 1 8  ? 4.072   -5.219  -2.121  1.00 3.11  ? 8   GLU B HB2  1 
ATOM   298 H HB3  . GLU B 1 8  ? 4.624   -3.977  -2.972  1.00 3.11  ? 8   GLU B HB3  1 
ATOM   299 H HG2  . GLU B 1 8  ? 5.509   -3.024  -0.917  1.00 3.80  ? 8   GLU B HG2  1 
ATOM   300 H HG3  . GLU B 1 8  ? 5.050   -4.347  -0.141  1.00 3.80  ? 8   GLU B HG3  1 
ATOM   301 H HE2  . GLU B 1 8  ? 8.400   -4.482  -1.024  1.00 9.92  ? 8   GLU B HE2  1 
ATOM   302 N N    . ILE B 1 9  ? 1.059   -4.294  -3.006  1.00 2.00  ? 9   ILE B N    1 
ATOM   303 C CA   . ILE B 1 9  ? -0.078  -4.178  -3.921  1.00 2.07  ? 9   ILE B CA   1 
ATOM   304 C C    . ILE B 1 9  ? -1.346  -4.387  -3.091  1.00 1.98  ? 9   ILE B C    1 
ATOM   305 O O    . ILE B 1 9  ? -1.527  -5.479  -2.512  1.00 2.28  ? 9   ILE B O    1 
ATOM   306 C CB   . ILE B 1 9  ? -0.024  -5.212  -5.064  1.00 2.36  ? 9   ILE B CB   1 
ATOM   307 C CG1  . ILE B 1 9  ? 1.227   -5.053  -5.937  1.00 2.83  ? 9   ILE B CG1  1 
ATOM   308 C CG2  . ILE B 1 9  ? -1.322  -5.180  -5.889  1.00 3.31  ? 9   ILE B CG2  1 
ATOM   309 C CD1  . ILE B 1 9  ? 1.247   -3.827  -6.854  1.00 3.56  ? 9   ILE B CD1  1 
ATOM   310 H H    . ILE B 1 9  ? 1.092   -4.989  -2.468  1.00 2.40  ? 9   ILE B H    1 
ATOM   311 H HA   . ILE B 1 9  ? -0.091  -3.258  -4.312  1.00 2.48  ? 9   ILE B HA   1 
ATOM   312 H HB   . ILE B 1 9  ? 0.030   -6.116  -4.639  1.00 2.84  ? 9   ILE B HB   1 
ATOM   313 H HG12 . ILE B 1 9  ? 2.018   -5.009  -5.342  1.00 3.40  ? 9   ILE B HG12 1 
ATOM   314 H HG13 . ILE B 1 9  ? 1.322   -5.863  -6.498  1.00 3.40  ? 9   ILE B HG13 1 
ATOM   315 H HG21 . ILE B 1 9  ? -1.264  -5.836  -6.615  1.00 4.96  ? 9   ILE B HG21 1 
ATOM   316 H HG22 . ILE B 1 9  ? -1.446  -4.284  -6.268  1.00 4.96  ? 9   ILE B HG22 1 
ATOM   317 H HG23 . ILE B 1 9  ? -2.083  -5.398  -5.311  1.00 4.96  ? 9   ILE B HG23 1 
ATOM   318 H HD11 . ILE B 1 9  ? 2.088   -3.808  -7.357  1.00 5.34  ? 9   ILE B HD11 1 
ATOM   319 H HD12 . ILE B 1 9  ? 1.171   -3.013  -6.314  1.00 5.34  ? 9   ILE B HD12 1 
ATOM   320 H HD13 . ILE B 1 9  ? 0.494   -3.875  -7.481  1.00 5.34  ? 9   ILE B HD13 1 
ATOM   321 N N    . GLY B 1 10 ? -2.222  -3.408  -3.046  1.00 2.04  ? 10  GLY B N    1 
ATOM   322 C CA   . GLY B 1 10 ? -3.516  -3.595  -2.400  1.00 2.15  ? 10  GLY B CA   1 
ATOM   323 C C    . GLY B 1 10 ? -3.436  -3.510  -0.872  1.00 2.06  ? 10  GLY B C    1 
ATOM   324 O O    . GLY B 1 10 ? -2.415  -3.170  -0.298  1.00 2.97  ? 10  GLY B O    1 
ATOM   325 H H    . GLY B 1 10 ? -2.025  -2.630  -3.410  1.00 2.45  ? 10  GLY B H    1 
ATOM   326 H HA2  . GLY B 1 10 ? -4.144  -2.904  -2.730  1.00 2.58  ? 10  GLY B HA2  1 
ATOM   327 H HA3  . GLY B 1 10 ? -3.879  -4.480  -2.656  1.00 2.58  ? 10  GLY B HA3  1 
ATOM   328 N N    . GLY B 1 11 ? -4.555  -3.866  -0.256  1.00 2.44  ? 11  GLY B N    1 
ATOM   329 C CA   . GLY B 1 11 ? -4.720  -3.876  1.191   1.00 2.36  ? 11  GLY B CA   1 
ATOM   330 C C    . GLY B 1 11 ? -6.130  -3.467  1.567   1.00 2.22  ? 11  GLY B C    1 
ATOM   331 O O    . GLY B 1 11 ? -7.029  -3.434  0.738   1.00 2.72  ? 11  GLY B O    1 
ATOM   332 H H    . GLY B 1 11 ? -5.240  -4.111  -0.753  1.00 2.93  ? 11  GLY B H    1 
ATOM   333 H HA2  . GLY B 1 11 ? -4.533  -4.783  1.541   1.00 2.83  ? 11  GLY B HA2  1 
ATOM   334 H HA3  . GLY B 1 11 ? -4.073  -3.249  1.603   1.00 2.83  ? 11  GLY B HA3  1 
ATOM   335 N N    . PHE B 1 12 ? -6.312  -3.181  2.869   1.00 2.35  ? 12  PHE B N    1 
ATOM   336 C CA   . PHE B 1 12 ? -7.632  -2.852  3.401   1.00 2.58  ? 12  PHE B CA   1 
ATOM   337 C C    . PHE B 1 12 ? -7.704  -1.483  4.052   1.00 2.66  ? 12  PHE B C    1 
ATOM   338 O O    . PHE B 1 12 ? -8.742  -1.158  4.659   1.00 4.31  ? 12  PHE B O    1 
ATOM   339 C CB   . PHE B 1 12 ? -8.111  -3.952  4.377   1.00 3.17  ? 12  PHE B CB   1 
ATOM   340 C CG   . PHE B 1 12 ? -8.470  -5.214  3.646   1.00 2.99  ? 12  PHE B CG   1 
ATOM   341 C CD1  . PHE B 1 12 ? -9.728  -5.370  3.055   1.00 3.77  ? 12  PHE B CD1  1 
ATOM   342 C CD2  . PHE B 1 12 ? -7.551  -6.240  3.448   1.00 3.85  ? 12  PHE B CD2  1 
ATOM   343 C CE1  . PHE B 1 12 ? -10.050 -6.516  2.351   1.00 4.61  ? 12  PHE B CE1  1 
ATOM   344 C CE2  . PHE B 1 12 ? -7.878  -7.384  2.717   1.00 5.05  ? 12  PHE B CE2  1 
ATOM   345 C CZ   . PHE B 1 12 ? -9.097  -7.509  2.178   1.00 5.08  ? 12  PHE B CZ   1 
ATOM   346 H H    . PHE B 1 12 ? -5.620  -3.192  3.414   1.00 2.82  ? 12  PHE B H    1 
ATOM   347 H HA   . PHE B 1 12 ? -8.267  -2.846  2.629   1.00 3.10  ? 12  PHE B HA   1 
ATOM   348 H HB2  . PHE B 1 12 ? -7.395  -4.146  5.032   1.00 3.80  ? 12  PHE B HB2  1 
ATOM   349 H HB3  . PHE B 1 12 ? -8.902  -3.627  4.876   1.00 3.80  ? 12  PHE B HB3  1 
ATOM   350 H HD1  . PHE B 1 12 ? -10.372 -4.677  3.137   1.00 4.52  ? 12  PHE B HD1  1 
ATOM   351 H HD2  . PHE B 1 12 ? -6.681  -6.161  3.821   1.00 4.61  ? 12  PHE B HD2  1 
ATOM   352 H HE1  . PHE B 1 12 ? -10.921 -6.622  1.989   1.00 5.53  ? 12  PHE B HE1  1 
ATOM   353 H HE2  . PHE B 1 12 ? -7.235  -8.073  2.601   1.00 6.06  ? 12  PHE B HE2  1 
ATOM   354 H HZ   . PHE B 1 12 ? -9.312  -8.286  1.673   1.00 6.10  ? 12  PHE B HZ   1 
ATOM   355 N N    . ASN B 1 13 ? -6.666  -0.654  3.882   1.00 2.29  ? 13  ASN B N    1 
ATOM   356 C CA   . ASN B 1 13 ? -6.612  0.672   4.451   1.00 2.40  ? 13  ASN B CA   1 
ATOM   357 C C    . ASN B 1 13 ? -6.758  1.740   3.345   1.00 2.43  ? 13  ASN B C    1 
ATOM   358 O O    . ASN B 1 13 ? -6.308  1.568   2.227   1.00 2.92  ? 13  ASN B O    1 
ATOM   359 C CB   . ASN B 1 13 ? -5.277  0.890   5.184   1.00 2.57  ? 13  ASN B CB   1 
ATOM   360 C CG   . ASN B 1 13 ? -5.298  0.188   6.519   1.00 3.06  ? 13  ASN B CG   1 
ATOM   361 O OD1  . ASN B 1 13 ? -4.918  -0.969  6.655   1.00 4.32  ? 13  ASN B OD1  1 
ATOM   362 N ND2  . ASN B 1 13 ? -5.787  0.906   7.523   1.00 4.37  ? 13  ASN B ND2  1 
ATOM   363 H H    . ASN B 1 13 ? -5.984  -0.931  3.401   1.00 2.75  ? 13  ASN B H    1 
ATOM   364 H HA   . ASN B 1 13 ? -7.362  0.776   5.103   1.00 2.88  ? 13  ASN B HA   1 
ATOM   365 H HB2  . ASN B 1 13 ? -4.533  0.538   4.634   1.00 3.09  ? 13  ASN B HB2  1 
ATOM   366 H HB3  . ASN B 1 13 ? -5.126  1.859   5.319   1.00 3.09  ? 13  ASN B HB3  1 
ATOM   367 H HD21 . ASN B 1 13 ? -5.847  0.554   8.327   1.00 5.24  ? 13  ASN B HD21 1 
ATOM   368 H HD22 . ASN B 1 13 ? -6.049  1.734   7.384   1.00 5.24  ? 13  ASN B HD22 1 
ATOM   369 N N    . VAL B 1 14 ? -7.362  2.874   3.702   1.00 2.72  ? 14  VAL B N    1 
ATOM   370 C CA   . VAL B 1 14 ? -7.441  3.970   2.725   1.00 3.00  ? 14  VAL B CA   1 
ATOM   371 C C    . VAL B 1 14 ? -6.049  4.376   2.331   1.00 2.84  ? 14  VAL B C    1 
ATOM   372 O O    . VAL B 1 14 ? -5.172  4.578   3.194   1.00 3.77  ? 14  VAL B O    1 
ATOM   373 C CB   . VAL B 1 14 ? -8.245  5.157   3.314   1.00 3.68  ? 14  VAL B CB   1 
ATOM   374 C CG1  . VAL B 1 14 ? -8.211  6.362   2.385   1.00 5.14  ? 14  VAL B CG1  1 
ATOM   375 C CG2  . VAL B 1 14 ? -9.675  4.727   3.609   1.00 5.33  ? 14  VAL B CG2  1 
ATOM   376 H H    . VAL B 1 14 ? -7.707  2.964   4.506   1.00 3.26  ? 14  VAL B H    1 
ATOM   377 H HA   . VAL B 1 14 ? -7.916  3.636   1.911   1.00 3.59  ? 14  VAL B HA   1 
ATOM   378 H HB   . VAL B 1 14 ? -7.817  5.421   4.178   1.00 4.42  ? 14  VAL B HB   1 
ATOM   379 H HG11 . VAL B 1 14 ? -7.285  6.545   2.120   1.00 7.72  ? 14  VAL B HG11 1 
ATOM   380 H HG12 . VAL B 1 14 ? -8.578  7.143   2.850   1.00 7.72  ? 14  VAL B HG12 1 
ATOM   381 H HG13 . VAL B 1 14 ? -8.749  6.175   1.587   1.00 7.72  ? 14  VAL B HG13 1 
ATOM   382 H HG21 . VAL B 1 14 ? -9.672  4.041   4.309   1.00 8.00  ? 14  VAL B HG21 1 
ATOM   383 H HG22 . VAL B 1 14 ? -10.082 4.362   2.796   1.00 8.00  ? 14  VAL B HG22 1 
ATOM   384 H HG23 . VAL B 1 14 ? -10.193 5.502   3.914   1.00 8.00  ? 14  VAL B HG23 1 
ATOM   385 N N    . PRO B 1 15 ? -5.739  4.577   1.034   1.00 3.03  ? 15  PRO B N    1 
ATOM   386 C CA   . PRO B 1 15 ? -4.366  4.904   0.651   1.00 3.57  ? 15  PRO B CA   1 
ATOM   387 C C    . PRO B 1 15 ? -3.870  6.225   1.186   1.00 2.94  ? 15  PRO B C    1 
ATOM   388 O O    . PRO B 1 15 ? -4.614  7.224   1.266   1.00 3.29  ? 15  PRO B O    1 
ATOM   389 C CB   . PRO B 1 15 ? -4.434  4.951   -0.868  1.00 5.35  ? 15  PRO B CB   1 
ATOM   390 C CG   A PRO B 1 15 ? -5.745  4.103   -1.326  0.50 4.08  ? 15  PRO B CG   1 
ATOM   391 C CG   B PRO B 1 15 ? -5.672  5.213   -1.147  0.50 2.86  ? 15  PRO B CG   1 
ATOM   392 C CD   . PRO B 1 15 ? -6.590  4.305   -0.121  1.00 4.67  ? 15  PRO B CD   1 
ATOM   393 H HA   . PRO B 1 15 ? -3.751  4.170   0.939   1.00 4.29  ? 15  PRO B HA   1 
ATOM   394 H HB2  A PRO B 1 15 ? -4.507  5.888   -1.179  0.50 6.42  ? 15  PRO B HB2  1 
ATOM   395 H HB2  B PRO B 1 15 ? -3.838  5.657   -1.224  0.50 6.42  ? 15  PRO B HB2  1 
ATOM   396 H HB3  A PRO B 1 15 ? -3.616  4.553   -1.259  0.50 6.42  ? 15  PRO B HB3  1 
ATOM   397 H HB3  B PRO B 1 15 ? -4.164  4.081   -1.257  0.50 6.42  ? 15  PRO B HB3  1 
ATOM   398 H HG2  A PRO B 1 15 ? -6.166  4.480   -2.139  0.50 4.89  ? 15  PRO B HG2  1 
ATOM   399 H HG2  B PRO B 1 15 ? -5.858  6.175   -1.016  0.50 3.43  ? 15  PRO B HG2  1 
ATOM   400 H HG3  A PRO B 1 15 ? -5.535  3.146   -1.474  0.50 4.89  ? 15  PRO B HG3  1 
ATOM   401 H HG3  B PRO B 1 15 ? -5.871  4.977   -2.088  0.50 3.43  ? 15  PRO B HG3  1 
ATOM   402 H HD2  A PRO B 1 15 ? -7.205  5.065   -0.269  0.50 5.61  ? 15  PRO B HD2  1 
ATOM   403 H HD2  B PRO B 1 15 ? -7.510  4.654   -0.014  0.50 5.61  ? 15  PRO B HD2  1 
ATOM   404 H HD3  A PRO B 1 15 ? -7.133  3.495   0.047   0.50 5.61  ? 15  PRO B HD3  1 
ATOM   405 H HD3  B PRO B 1 15 ? -6.611  3.347   -0.367  0.50 5.61  ? 15  PRO B HD3  1 
ATOM   406 N N    . GLY B 1 16 ? -2.568  6.255   1.466   1.00 3.12  ? 16  GLY B N    1 
ATOM   407 C CA   . GLY B 1 16 ? -1.842  7.504   1.636   1.00 3.23  ? 16  GLY B CA   1 
ATOM   408 C C    . GLY B 1 16 ? -1.566  8.144   0.281   1.00 3.12  ? 16  GLY B C    1 
ATOM   409 O O    . GLY B 1 16 ? -1.751  7.602   -0.771  1.00 5.06  ? 16  GLY B O    1 
ATOM   410 O OXT  . GLY B 1 16 ? -1.053  9.358   0.441   1.00 3.16  ? 16  GLY B OXT  1 
ATOM   411 H H    . GLY B 1 16 ? -2.134  5.495   1.550   1.00 3.74  ? 16  GLY B H    1 
ATOM   412 H HA2  . GLY B 1 16 ? -2.373  8.125   2.195   1.00 3.87  ? 16  GLY B HA2  1 
ATOM   413 H HA3  . GLY B 1 16 ? -0.985  7.328   2.101   1.00 3.87  ? 16  GLY B HA3  1 
ATOM   414 H HXT  . GLY B 1 16 ? -0.842  9.673   -0.309  1.00 4.74  ? 16  GLY B HXT  1 
HETATM 415 O O1   . HEZ C 2 .  ? 4.936   3.149   -7.877  1.00 5.01  ? 101 HEZ A O1   1 
HETATM 416 C C1   . HEZ C 2 .  ? 5.783   3.796   -8.775  1.00 6.75  ? 101 HEZ A C1   1 
HETATM 417 C C2   . HEZ C 2 .  ? 7.226   3.215   -8.605  1.00 9.11  ? 101 HEZ A C2   1 
HETATM 418 C C3   . HEZ C 2 .  ? 8.277   3.976   -9.367  1.00 10.59 ? 101 HEZ A C3   1 
HETATM 419 C C4   . HEZ C 2 .  ? 9.672   3.384   -9.058  1.00 15.76 ? 101 HEZ A C4   1 
HETATM 420 C C5   . HEZ C 2 .  ? 10.498  3.349   -7.740  1.00 32.93 ? 101 HEZ A C5   1 
HETATM 421 C C6   . HEZ C 2 .  ? 11.963  2.839   -7.614  1.00 35.06 ? 101 HEZ A C6   1 
HETATM 422 O O6   . HEZ C 2 .  ? 11.741  1.427   -7.282  1.00 11.94 ? 101 HEZ A O6   1 
HETATM 423 H HO1  . HEZ C 2 .  ? 4.930   2.324   -8.041  1.00 7.51  ? 101 HEZ A HO1  1 
HETATM 424 H H11  . HEZ C 2 .  ? 5.787   4.770   -8.597  1.00 8.10  ? 101 HEZ A H11  1 
HETATM 425 H H12  . HEZ C 2 .  ? 5.468   3.651   -9.703  1.00 8.10  ? 101 HEZ A H12  1 
HETATM 426 H H21  . HEZ C 2 .  ? 7.460   3.221   -7.643  1.00 10.94 ? 101 HEZ A H21  1 
HETATM 427 H H22  . HEZ C 2 .  ? 7.229   2.272   -8.908  1.00 10.94 ? 101 HEZ A H22  1 
HETATM 428 H H31  . HEZ C 2 .  ? 8.254   4.931   -9.107  1.00 12.70 ? 101 HEZ A H31  1 
HETATM 429 H H32  . HEZ C 2 .  ? 8.097   3.915   -10.338 1.00 12.70 ? 101 HEZ A H32  1 
HETATM 430 H H41  . HEZ C 2 .  ? 10.274  3.813   -9.717  1.00 18.91 ? 101 HEZ A H41  1 
HETATM 431 H H42  . HEZ C 2 .  ? 9.606   2.435   -9.335  1.00 18.91 ? 101 HEZ A H42  1 
HETATM 432 H H51  . HEZ C 2 .  ? 9.966   2.815   -7.097  1.00 39.52 ? 101 HEZ A H51  1 
HETATM 433 H H52  . HEZ C 2 .  ? 10.501  4.277   -7.395  1.00 39.52 ? 101 HEZ A H52  1 
HETATM 434 H H61  . HEZ C 2 .  ? 12.458  2.938   -8.466  1.00 42.07 ? 101 HEZ A H61  1 
HETATM 435 H H62  . HEZ C 2 .  ? 12.453  3.309   -6.893  1.00 42.07 ? 101 HEZ A H62  1 
HETATM 436 H HO6  . HEZ C 2 .  ? 12.480  1.046   -7.165  1.00 17.91 ? 101 HEZ A HO6  1 
HETATM 437 O O    . HOH D 3 .  ? 0.047   -0.074  0.345   1.00 2.52  ? 201 HOH A O    1 
HETATM 438 H H1   . HOH D 3 .  ? -0.234  0.284   -0.443  1.00 3.78  ? 201 HOH A H1   1 
HETATM 439 H H2   . HOH D 3 .  ? 0.203   -0.993  0.034   1.00 3.78  ? 201 HOH A H2   1 
HETATM 440 O O    . HOH D 3 .  ? -1.215  3.859   -5.808  1.00 3.04  ? 202 HOH A O    1 
HETATM 441 O O    . HOH D 3 .  ? 8.343   2.786   6.856   1.00 4.33  ? 203 HOH A O    1 
HETATM 442 O O    . HOH D 3 .  ? 6.266   3.464   8.530   1.00 4.66  ? 204 HOH A O    1 
HETATM 443 O O    . HOH D 3 .  ? 4.388   1.918   7.456   1.00 3.61  ? 205 HOH A O    1 
HETATM 444 O O    . HOH D 3 .  ? -1.025  -3.071  9.985   1.00 2.92  ? 206 HOH A O    1 
HETATM 445 O O    . HOH D 3 .  ? -3.276  -4.464  9.172   1.00 3.77  ? 207 HOH A O    1 
HETATM 446 O O    . HOH D 3 .  ? 3.738   5.740   1.480   1.00 4.24  ? 208 HOH A O    1 
HETATM 447 O O    A HOH D 3 .  ? 9.340   0.007   -7.383  0.80 6.18  ? 209 HOH A O    1 
HETATM 448 O O    A HOH D 3 .  ? 13.607  0.530   -5.419  0.69 6.18  ? 210 HOH A O    1 
HETATM 449 O O    B HOH D 3 .  ? 13.696  1.286   -5.510  0.29 6.18  ? 211 HOH A O    1 
HETATM 450 O O    B HOH D 3 .  ? 9.693   -0.513  -7.643  0.20 6.18  ? 212 HOH A O    1 
HETATM 451 O O    A HOH D 3 .  ? 13.631  2.229   -6.226  0.14 6.18  ? 213 HOH A O    1 
HETATM 452 O O    . HOH E 3 .  ? -5.287  -7.616  -3.965  1.00 3.75  ? 101 HOH B O    1 
HETATM 453 O O    . HOH E 3 .  ? -4.385  -3.358  5.022   1.00 5.17  ? 102 HOH B O    1 
HETATM 454 O O    . HOH E 3 .  ? -8.438  2.719   6.486   1.00 7.53  ? 103 HOH B O    1 
HETATM 455 O O    A HOH E 3 .  ? -11.972 -4.840  -5.179  0.84 6.18  ? 104 HOH B O    1 
HETATM 456 O O    A HOH E 3 .  ? -9.278  -5.126  -5.768  0.74 6.18  ? 105 HOH B O    1 
HETATM 457 O O    A HOH E 3 .  ? 9.657   -5.943  -1.429  0.46 6.18  ? 106 HOH B O    1 
HETATM 458 O O    A HOH E 3 .  ? 10.081  -4.544  -1.828  0.44 6.18  ? 107 HOH B O    1 
HETATM 459 O O    B HOH E 3 .  ? 11.422  -5.142  -3.174  0.34 6.18  ? 108 HOH B O    1 
HETATM 460 O O    B HOH E 3 .  ? -9.065  -5.795  -5.341  0.29 6.18  ? 109 HOH B O    1 
HETATM 461 O O    A HOH E 3 .  ? -8.706  -11.597 0.110   0.22 6.18  ? 110 HOH B O    1 
HETATM 462 O O    B HOH E 3 .  ? -6.120  -10.440 1.514   0.18 6.18  ? 111 HOH B O    1 
HETATM 463 O O    D HOH E 3 .  ? -6.612  -10.473 0.160   0.17 6.18  ? 112 HOH B O    1 
HETATM 464 O O    C HOH E 3 .  ? 11.214  -5.294  -1.914  0.20 6.18  ? 113 HOH B O    1 
HETATM 465 O O    B HOH E 3 .  ? -11.461 -5.440  -4.725  0.16 6.18  ? 114 HOH B O    1 
HETATM 466 O O    B HOH E 3 .  ? 10.321  -5.520  -2.004  0.17 6.18  ? 115 HOH B O    1 
HETATM 467 O O    C HOH E 3 .  ? -6.518  -10.348 -1.152  0.18 6.18  ? 116 HOH B O    1 
HETATM 468 O O    C HOH E 3 .  ? -6.269  -11.585 0.916   0.18 6.18  ? 117 HOH B O    1 
HETATM 469 O O    B HOH E 3 .  ? -12.330 -4.304  -5.540  0.17 6.18  ? 118 HOH B O    1 
HETATM 470 O O    B HOH E 3 .  ? -8.400  -10.330 0.105   0.35 6.18  ? 119 HOH B O    1 
HETATM 471 O O    A HOH E 3 .  ? 11.127  -6.256  -3.045  0.12 6.18  ? 120 HOH B O    1 
HETATM 472 O O    . HOH E 3 .  ? -10.314 1.444   5.074   0.16 6.18  ? 121 HOH B O    1 
HETATM 473 O O    A HOH E 3 .  ? -5.276  -10.984 -0.295  0.10 6.18  ? 122 HOH B O    1 
HETATM 474 O O    A HOH E 3 .  ? -5.879  -10.009 0.889   0.14 6.18  ? 123 HOH B O    1 
HETATM 475 O O    D HOH E 3 .  ? -5.124  -10.707 0.851   0.12 6.18  ? 124 HOH B O    1 
# 
